data_5HNM
#
_entry.id   5HNM
#
_cell.length_a   55.709
_cell.length_b   77.319
_cell.length_c   85.865
_cell.angle_alpha   101.34
_cell.angle_beta   108.13
_cell.angle_gamma   90.06
#
_symmetry.space_group_name_H-M   'P 1'
#
loop_
_entity.id
_entity.type
_entity.pdbx_description
1 polymer 'D-alanyl-D-alanine carboxypeptidase'
2 non-polymer 'ZINC ION'
3 non-polymer 'SULFATE ION'
4 water water
#
_entity_poly.entity_id   1
_entity_poly.type   'polypeptide(L)'
_entity_poly.pdbx_seq_one_letter_code
;PEENTLATAKEQGDEQEWSLILVNRQNPIPAQYDVELEQLSNGERIDIRISPYLQDLFDAARADGVYPIVASGYRTTEKQ
QEIMDEKVAEYKAKGYTSAQAKAAAETWVAVPGTSEHQLGLAVDINADGIHSTGNEVYRWLDENSYRFGFIRRYPPDKTE
ITGVSNEPWHYRYVGIEAATKIYHQGLCLEEYLNTEK
;
_entity_poly.pdbx_strand_id   A,B,C,D,E,F
#
loop_
_chem_comp.id
_chem_comp.type
_chem_comp.name
_chem_comp.formula
SO4 non-polymer 'SULFATE ION' 'O4 S -2'
ZN non-polymer 'ZINC ION' 'Zn 2'
#
# COMPACT_ATOMS: atom_id res chain seq x y z
N GLU A 17 9.92 -40.00 -19.12
CA GLU A 17 8.84 -40.19 -18.16
C GLU A 17 9.35 -40.02 -16.73
N TRP A 18 10.67 -40.02 -16.57
CA TRP A 18 11.29 -39.88 -15.26
C TRP A 18 10.99 -38.53 -14.64
N SER A 19 10.85 -37.50 -15.49
CA SER A 19 10.61 -36.15 -15.02
C SER A 19 9.13 -35.86 -14.80
N LEU A 20 8.31 -36.89 -14.98
CA LEU A 20 6.86 -36.76 -14.81
C LEU A 20 6.37 -37.51 -13.58
N ILE A 21 7.27 -37.83 -12.68
CA ILE A 21 6.91 -38.51 -11.44
C ILE A 21 6.04 -37.62 -10.56
N LEU A 22 4.92 -38.16 -10.10
CA LEU A 22 3.98 -37.39 -9.29
C LEU A 22 4.14 -37.68 -7.82
N VAL A 23 4.35 -36.63 -7.03
CA VAL A 23 4.45 -36.77 -5.58
C VAL A 23 3.44 -35.85 -4.89
N ASN A 24 2.38 -36.45 -4.37
CA ASN A 24 1.33 -35.69 -3.67
C ASN A 24 1.02 -36.30 -2.31
N ARG A 25 -0.07 -35.81 -1.69
CA ARG A 25 -0.61 -36.42 -0.49
C ARG A 25 -1.23 -37.77 -0.86
N GLN A 26 -1.65 -37.87 -2.11
CA GLN A 26 -2.23 -39.11 -2.64
C GLN A 26 -1.14 -40.02 -3.18
N ASN A 27 0.04 -39.46 -3.38
CA ASN A 27 1.16 -40.22 -3.94
C ASN A 27 2.48 -39.93 -3.23
N PRO A 28 2.72 -40.62 -2.09
CA PRO A 28 3.95 -40.46 -1.32
C PRO A 28 5.20 -40.79 -2.14
N ILE A 29 6.30 -40.12 -1.84
CA ILE A 29 7.55 -40.40 -2.54
C ILE A 29 8.08 -41.77 -2.12
N PRO A 30 8.50 -42.58 -3.10
CA PRO A 30 9.14 -43.85 -2.75
C PRO A 30 10.45 -43.61 -2.00
N ALA A 31 10.69 -44.40 -0.96
CA ALA A 31 11.93 -44.31 -0.21
C ALA A 31 13.09 -44.92 -1.00
N GLN A 32 12.83 -45.27 -2.25
CA GLN A 32 13.82 -45.87 -3.10
C GLN A 32 14.41 -44.80 -4.00
N TYR A 33 13.80 -43.62 -3.96
CA TYR A 33 14.15 -42.52 -4.84
C TYR A 33 15.41 -41.80 -4.37
N ASP A 34 16.56 -42.25 -4.84
CA ASP A 34 17.82 -41.58 -4.54
C ASP A 34 18.12 -40.61 -5.66
N VAL A 35 18.53 -39.40 -5.30
CA VAL A 35 18.78 -38.36 -6.29
C VAL A 35 20.25 -38.01 -6.37
N GLU A 36 20.78 -37.99 -7.60
CA GLU A 36 22.12 -37.45 -7.82
C GLU A 36 22.03 -35.93 -7.80
N LEU A 37 22.56 -35.34 -6.74
CA LEU A 37 22.43 -33.90 -6.52
C LEU A 37 23.74 -33.15 -6.76
N GLU A 38 23.63 -31.94 -7.28
CA GLU A 38 24.78 -31.04 -7.40
C GLU A 38 24.49 -29.75 -6.65
N GLN A 39 25.54 -29.08 -6.19
CA GLN A 39 25.39 -27.87 -5.40
C GLN A 39 25.41 -26.62 -6.27
N LEU A 40 24.36 -25.82 -6.17
CA LEU A 40 24.30 -24.55 -6.89
C LEU A 40 25.29 -23.56 -6.29
N SER A 41 25.36 -22.37 -6.88
CA SER A 41 26.27 -21.33 -6.42
C SER A 41 25.91 -20.85 -5.02
N ASN A 42 24.63 -20.91 -4.67
CA ASN A 42 24.18 -20.42 -3.38
C ASN A 42 24.08 -21.53 -2.32
N GLY A 43 24.63 -22.69 -2.64
CA GLY A 43 24.67 -23.78 -1.69
C GLY A 43 23.48 -24.72 -1.75
N GLU A 44 22.42 -24.27 -2.43
CA GLU A 44 21.22 -25.09 -2.59
C GLU A 44 21.50 -26.26 -3.52
N ARG A 45 20.80 -27.36 -3.32
CA ARG A 45 21.02 -28.58 -4.10
C ARG A 45 19.84 -28.90 -5.01
N ILE A 46 20.14 -29.35 -6.23
CA ILE A 46 19.11 -29.75 -7.19
C ILE A 46 19.55 -31.00 -7.93
N ASP A 47 18.62 -31.62 -8.65
CA ASP A 47 18.94 -32.77 -9.48
C ASP A 47 19.85 -32.31 -10.63
N ILE A 48 20.90 -33.06 -10.89
CA ILE A 48 21.88 -32.70 -11.90
C ILE A 48 21.29 -32.66 -13.31
N ARG A 49 20.14 -33.31 -13.48
CA ARG A 49 19.50 -33.41 -14.78
C ARG A 49 18.75 -32.14 -15.17
N ILE A 50 18.42 -31.33 -14.17
CA ILE A 50 17.67 -30.10 -14.43
C ILE A 50 18.60 -28.88 -14.41
N SER A 51 19.85 -29.10 -14.05
CA SER A 51 20.83 -28.03 -13.90
C SER A 51 20.99 -27.13 -15.13
N PRO A 52 21.19 -27.71 -16.34
CA PRO A 52 21.38 -26.79 -17.47
C PRO A 52 20.09 -26.08 -17.88
N TYR A 53 18.94 -26.71 -17.61
CA TYR A 53 17.66 -26.10 -17.92
C TYR A 53 17.33 -24.98 -16.95
N LEU A 54 17.78 -25.14 -15.70
CA LEU A 54 17.60 -24.10 -14.70
C LEU A 54 18.51 -22.92 -14.99
N GLN A 55 19.74 -23.22 -15.40
CA GLN A 55 20.71 -22.20 -15.75
C GLN A 55 20.23 -21.38 -16.95
N ASP A 56 19.64 -22.06 -17.94
CA ASP A 56 19.12 -21.39 -19.12
C ASP A 56 17.91 -20.52 -18.77
N LEU A 57 17.11 -20.98 -17.82
CA LEU A 57 15.93 -20.24 -17.38
C LEU A 57 16.31 -18.91 -16.75
N PHE A 58 17.39 -18.91 -15.98
CA PHE A 58 17.82 -17.71 -15.28
C PHE A 58 18.59 -16.76 -16.20
N ASP A 59 19.34 -17.33 -17.14
CA ASP A 59 20.04 -16.52 -18.14
C ASP A 59 19.04 -15.80 -19.03
N ALA A 60 17.95 -16.49 -19.33
CA ALA A 60 16.87 -15.93 -20.14
C ALA A 60 16.24 -14.72 -19.46
N ALA A 61 15.91 -14.90 -18.19
CA ALA A 61 15.29 -13.84 -17.39
C ALA A 61 16.19 -12.63 -17.26
N ARG A 62 17.47 -12.87 -17.00
CA ARG A 62 18.45 -11.80 -16.82
C ARG A 62 18.70 -11.04 -18.11
N ALA A 63 18.34 -11.65 -19.24
CA ALA A 63 18.44 -10.98 -20.53
C ALA A 63 17.24 -10.06 -20.73
N ASP A 64 16.17 -10.33 -20.01
CA ASP A 64 14.95 -9.53 -20.08
C ASP A 64 14.83 -8.60 -18.87
N GLY A 65 15.89 -8.52 -18.07
CA GLY A 65 15.91 -7.63 -16.93
C GLY A 65 15.30 -8.24 -15.67
N VAL A 66 15.06 -9.55 -15.72
CA VAL A 66 14.50 -10.26 -14.57
C VAL A 66 15.59 -11.06 -13.85
N TYR A 67 15.76 -10.81 -12.56
CA TYR A 67 16.82 -11.47 -11.80
C TYR A 67 16.25 -12.38 -10.71
N PRO A 68 16.12 -13.68 -11.01
CA PRO A 68 15.57 -14.67 -10.08
C PRO A 68 16.65 -15.41 -9.29
N ILE A 69 16.29 -15.92 -8.12
CA ILE A 69 17.19 -16.71 -7.30
C ILE A 69 16.49 -17.98 -6.82
N VAL A 70 17.28 -19.00 -6.49
CA VAL A 70 16.74 -20.23 -5.92
C VAL A 70 16.71 -20.15 -4.40
N ALA A 71 15.52 -19.97 -3.84
CA ALA A 71 15.37 -19.85 -2.40
C ALA A 71 15.41 -21.21 -1.72
N SER A 72 14.89 -22.22 -2.41
CA SER A 72 14.85 -23.58 -1.87
C SER A 72 14.78 -24.62 -2.97
N GLY A 73 15.64 -25.62 -2.89
CA GLY A 73 15.65 -26.71 -3.84
C GLY A 73 15.38 -28.03 -3.14
N TYR A 74 16.42 -28.87 -3.05
CA TYR A 74 16.30 -30.15 -2.39
C TYR A 74 16.16 -29.98 -0.88
N ARG A 75 15.37 -30.86 -0.26
CA ARG A 75 15.20 -30.85 1.19
C ARG A 75 15.23 -32.27 1.73
N THR A 76 15.97 -32.49 2.81
CA THR A 76 15.95 -33.76 3.52
C THR A 76 14.60 -33.93 4.20
N THR A 77 14.34 -35.14 4.72
CA THR A 77 13.08 -35.41 5.40
C THR A 77 12.91 -34.53 6.63
N GLU A 78 13.96 -34.44 7.44
CA GLU A 78 13.92 -33.63 8.66
C GLU A 78 13.77 -32.14 8.32
N LYS A 79 14.35 -31.74 7.20
CA LYS A 79 14.23 -30.35 6.74
C LYS A 79 12.78 -29.99 6.49
N GLN A 80 12.06 -30.86 5.80
CA GLN A 80 10.62 -30.68 5.58
C GLN A 80 9.89 -30.72 6.92
N GLN A 81 10.37 -31.57 7.82
CA GLN A 81 9.76 -31.70 9.14
C GLN A 81 9.93 -30.41 9.93
N GLU A 82 11.07 -29.75 9.76
CA GLU A 82 11.33 -28.48 10.43
C GLU A 82 10.42 -27.37 9.89
N ILE A 83 10.28 -27.32 8.57
CA ILE A 83 9.45 -26.31 7.93
C ILE A 83 7.99 -26.47 8.33
N MET A 84 7.53 -27.72 8.37
CA MET A 84 6.18 -28.02 8.81
C MET A 84 5.96 -27.59 10.26
N ASP A 85 6.92 -27.93 11.12
CA ASP A 85 6.81 -27.63 12.56
C ASP A 85 6.72 -26.13 12.83
N GLU A 86 7.51 -25.34 12.10
CA GLU A 86 7.49 -23.90 12.28
C GLU A 86 6.18 -23.31 11.78
N LYS A 87 5.65 -23.89 10.71
CA LYS A 87 4.37 -23.45 10.16
C LYS A 87 3.25 -23.76 11.15
N VAL A 88 3.31 -24.94 11.75
CA VAL A 88 2.34 -25.36 12.77
C VAL A 88 2.41 -24.42 13.98
N ALA A 89 3.63 -24.10 14.40
CA ALA A 89 3.84 -23.23 15.54
C ALA A 89 3.26 -21.83 15.31
N GLU A 90 3.26 -21.39 14.06
CA GLU A 90 2.70 -20.09 13.71
C GLU A 90 1.21 -20.04 13.98
N TYR A 91 0.51 -21.12 13.62
CA TYR A 91 -0.93 -21.20 13.83
C TYR A 91 -1.26 -21.39 15.31
N LYS A 92 -0.48 -22.21 16.01
CA LYS A 92 -0.67 -22.42 17.43
C LYS A 92 -0.48 -21.12 18.20
N ALA A 93 0.38 -20.25 17.67
CA ALA A 93 0.63 -18.95 18.27
C ALA A 93 -0.48 -17.95 17.93
N LYS A 94 -1.40 -18.39 17.12
CA LYS A 94 -2.50 -17.57 16.80
C LYS A 94 -3.86 -18.17 17.12
N GLY A 95 -3.91 -18.99 18.15
CA GLY A 95 -5.15 -19.53 18.70
C GLY A 95 -5.67 -20.79 18.06
N TYR A 96 -4.87 -21.43 17.21
CA TYR A 96 -5.25 -22.71 16.62
C TYR A 96 -4.81 -23.85 17.53
N THR A 97 -5.67 -24.85 17.67
CA THR A 97 -5.31 -26.06 18.40
C THR A 97 -4.27 -26.83 17.60
N SER A 98 -3.75 -27.91 18.18
CA SER A 98 -2.76 -28.73 17.50
C SER A 98 -3.31 -29.31 16.20
N ALA A 99 -4.52 -29.84 16.26
CA ALA A 99 -5.16 -30.45 15.09
C ALA A 99 -5.44 -29.41 14.01
N GLN A 100 -5.96 -28.25 14.42
CA GLN A 100 -6.28 -27.18 13.48
C GLN A 100 -5.01 -26.63 12.83
N ALA A 101 -3.96 -26.46 13.64
CA ALA A 101 -2.70 -25.94 13.15
C ALA A 101 -2.09 -26.87 12.10
N LYS A 102 -2.08 -28.16 12.41
CA LYS A 102 -1.52 -29.16 11.50
C LYS A 102 -2.32 -29.22 10.19
N ALA A 103 -3.64 -29.20 10.31
CA ALA A 103 -4.51 -29.24 9.14
C ALA A 103 -4.31 -28.00 8.26
N ALA A 104 -4.13 -26.85 8.91
CA ALA A 104 -3.95 -25.59 8.19
C ALA A 104 -2.56 -25.50 7.57
N ALA A 105 -1.59 -26.15 8.21
CA ALA A 105 -0.21 -26.12 7.73
C ALA A 105 -0.01 -27.06 6.54
N GLU A 106 -0.79 -28.13 6.50
CA GLU A 106 -0.66 -29.12 5.42
C GLU A 106 -1.14 -28.59 4.08
N THR A 107 -1.83 -27.44 4.10
CA THR A 107 -2.32 -26.83 2.88
C THR A 107 -1.25 -25.96 2.23
N TRP A 108 -0.24 -25.58 3.03
CA TRP A 108 0.88 -24.79 2.54
C TRP A 108 2.14 -25.66 2.45
N VAL A 109 2.49 -26.28 3.57
CA VAL A 109 3.66 -27.16 3.61
C VAL A 109 3.23 -28.61 3.46
N ALA A 110 3.95 -29.35 2.61
CA ALA A 110 3.63 -30.76 2.38
C ALA A 110 4.17 -31.63 3.51
N VAL A 111 3.38 -32.65 3.88
CA VAL A 111 3.80 -33.64 4.85
C VAL A 111 5.10 -34.29 4.40
N PRO A 112 6.11 -34.36 5.29
CA PRO A 112 7.40 -34.97 4.99
C PRO A 112 7.27 -36.34 4.36
N GLY A 113 7.54 -36.42 3.05
CA GLY A 113 7.38 -37.65 2.30
C GLY A 113 6.37 -37.47 1.18
N THR A 114 5.79 -36.27 1.10
CA THR A 114 4.84 -35.94 0.06
C THR A 114 5.26 -34.67 -0.66
N SER A 115 6.42 -34.14 -0.30
CA SER A 115 6.96 -32.93 -0.91
C SER A 115 7.85 -33.27 -2.09
N GLU A 116 7.65 -32.59 -3.21
CA GLU A 116 8.47 -32.82 -4.38
C GLU A 116 9.80 -32.10 -4.27
N HIS A 117 10.00 -31.40 -3.16
CA HIS A 117 11.31 -30.82 -2.85
C HIS A 117 12.29 -31.92 -2.46
N GLN A 118 11.75 -33.07 -2.09
CA GLN A 118 12.57 -34.22 -1.75
C GLN A 118 12.98 -34.98 -3.02
N LEU A 119 12.43 -34.57 -4.15
CA LEU A 119 12.80 -35.12 -5.44
C LEU A 119 14.06 -34.45 -5.98
N GLY A 120 14.19 -33.15 -5.72
CA GLY A 120 15.28 -32.37 -6.26
C GLY A 120 14.92 -31.78 -7.61
N LEU A 121 13.65 -31.92 -7.99
CA LEU A 121 13.17 -31.41 -9.26
C LEU A 121 12.36 -30.12 -9.08
N ALA A 122 12.15 -29.75 -7.82
CA ALA A 122 11.35 -28.56 -7.53
C ALA A 122 12.21 -27.47 -6.92
N VAL A 123 11.99 -26.23 -7.37
CA VAL A 123 12.72 -25.10 -6.84
C VAL A 123 11.77 -23.97 -6.44
N ASP A 124 11.99 -23.40 -5.27
CA ASP A 124 11.29 -22.19 -4.87
C ASP A 124 12.06 -20.98 -5.37
N ILE A 125 11.47 -20.24 -6.29
CA ILE A 125 12.14 -19.12 -6.93
C ILE A 125 11.66 -17.79 -6.37
N ASN A 126 12.60 -16.96 -5.94
CA ASN A 126 12.29 -15.61 -5.48
C ASN A 126 13.08 -14.57 -6.29
N ALA A 127 12.76 -13.30 -6.07
CA ALA A 127 13.50 -12.21 -6.68
C ALA A 127 14.72 -11.88 -5.83
N ASP A 128 15.78 -11.39 -6.48
CA ASP A 128 16.97 -10.99 -5.75
C ASP A 128 16.70 -9.68 -5.01
N GLY A 129 15.64 -8.98 -5.42
CA GLY A 129 15.18 -7.79 -4.73
C GLY A 129 15.86 -6.51 -5.18
N ILE A 130 17.18 -6.57 -5.37
CA ILE A 130 17.94 -5.38 -5.70
C ILE A 130 17.91 -5.08 -7.20
N HIS A 131 17.43 -6.04 -7.99
CA HIS A 131 17.30 -5.84 -9.42
C HIS A 131 15.86 -5.97 -9.88
N SER A 132 15.14 -6.93 -9.31
CA SER A 132 13.76 -7.20 -9.70
C SER A 132 12.86 -7.39 -8.49
N THR A 133 11.59 -7.04 -8.64
CA THR A 133 10.62 -7.21 -7.56
C THR A 133 10.01 -8.61 -7.61
N GLY A 134 9.26 -8.97 -6.58
CA GLY A 134 8.63 -10.26 -6.50
C GLY A 134 7.59 -10.46 -7.60
N ASN A 135 6.90 -9.38 -7.95
CA ASN A 135 5.88 -9.44 -8.99
C ASN A 135 6.48 -9.64 -10.37
N GLU A 136 7.60 -8.96 -10.63
CA GLU A 136 8.26 -9.01 -11.93
C GLU A 136 8.79 -10.40 -12.26
N VAL A 137 9.41 -11.05 -11.28
CA VAL A 137 9.99 -12.37 -11.50
C VAL A 137 8.90 -13.43 -11.66
N TYR A 138 7.83 -13.32 -10.90
CA TYR A 138 6.76 -14.31 -10.92
C TYR A 138 5.97 -14.28 -12.23
N ARG A 139 5.77 -13.09 -12.79
CA ARG A 139 5.02 -12.95 -14.02
C ARG A 139 5.86 -13.33 -15.24
N TRP A 140 7.16 -13.08 -15.18
CA TRP A 140 8.05 -13.51 -16.27
C TRP A 140 8.10 -15.03 -16.33
N LEU A 141 8.25 -15.65 -15.17
CA LEU A 141 8.29 -17.11 -15.07
C LEU A 141 6.96 -17.72 -15.52
N ASP A 142 5.86 -17.03 -15.23
CA ASP A 142 4.53 -17.52 -15.57
C ASP A 142 4.34 -17.69 -17.07
N GLU A 143 5.11 -16.94 -17.86
CA GLU A 143 4.96 -16.96 -19.31
C GLU A 143 6.24 -17.34 -20.04
N ASN A 144 7.21 -17.89 -19.33
CA ASN A 144 8.48 -18.26 -19.95
C ASN A 144 9.08 -19.56 -19.44
N SER A 145 8.72 -19.95 -18.21
CA SER A 145 9.34 -21.11 -17.57
C SER A 145 9.08 -22.41 -18.32
N TYR A 146 7.93 -22.50 -19.00
CA TYR A 146 7.56 -23.71 -19.71
C TYR A 146 8.51 -23.97 -20.88
N ARG A 147 9.08 -22.92 -21.44
CA ARG A 147 9.98 -23.03 -22.57
C ARG A 147 11.31 -23.69 -22.18
N PHE A 148 11.53 -23.82 -20.87
CA PHE A 148 12.78 -24.39 -20.38
C PHE A 148 12.53 -25.63 -19.52
N GLY A 149 11.27 -26.07 -19.48
CA GLY A 149 10.92 -27.32 -18.83
C GLY A 149 10.36 -27.18 -17.42
N PHE A 150 10.02 -25.95 -17.03
CA PHE A 150 9.49 -25.71 -15.70
C PHE A 150 8.05 -25.22 -15.74
N ILE A 151 7.24 -25.68 -14.79
CA ILE A 151 5.85 -25.26 -14.71
C ILE A 151 5.52 -24.65 -13.36
N ARG A 152 4.59 -23.70 -13.35
CA ARG A 152 4.04 -23.18 -12.11
C ARG A 152 3.20 -24.29 -11.48
N ARG A 153 3.78 -24.97 -10.50
CA ARG A 153 3.25 -26.22 -10.00
C ARG A 153 1.86 -26.12 -9.37
N TYR A 154 1.59 -25.03 -8.65
CA TYR A 154 0.33 -24.91 -7.94
C TYR A 154 -0.46 -23.67 -8.34
N PRO A 155 -1.25 -23.79 -9.42
CA PRO A 155 -2.13 -22.70 -9.87
C PRO A 155 -3.23 -22.39 -8.87
N PRO A 156 -3.70 -21.13 -8.84
CA PRO A 156 -4.75 -20.72 -7.90
C PRO A 156 -6.12 -21.32 -8.24
N ASP A 157 -6.30 -21.72 -9.49
CA ASP A 157 -7.58 -22.28 -9.92
C ASP A 157 -7.55 -23.80 -9.93
N LYS A 158 -6.46 -24.38 -9.45
CA LYS A 158 -6.30 -25.83 -9.41
C LYS A 158 -5.95 -26.32 -8.01
N THR A 159 -6.28 -25.50 -7.01
CA THR A 159 -5.96 -25.81 -5.62
C THR A 159 -6.74 -27.03 -5.11
N GLU A 160 -7.90 -27.27 -5.69
CA GLU A 160 -8.74 -28.39 -5.28
C GLU A 160 -8.16 -29.72 -5.73
N ILE A 161 -7.35 -29.69 -6.78
CA ILE A 161 -6.75 -30.90 -7.33
C ILE A 161 -5.35 -31.12 -6.78
N THR A 162 -4.56 -30.06 -6.75
CA THR A 162 -3.20 -30.14 -6.23
C THR A 162 -3.19 -30.27 -4.72
N GLY A 163 -4.25 -29.81 -4.08
CA GLY A 163 -4.37 -29.86 -2.64
C GLY A 163 -3.48 -28.85 -1.94
N VAL A 164 -2.87 -27.97 -2.72
CA VAL A 164 -1.95 -26.97 -2.19
C VAL A 164 -2.42 -25.57 -2.57
N SER A 165 -2.25 -24.62 -1.64
CA SER A 165 -2.66 -23.23 -1.88
C SER A 165 -1.83 -22.57 -2.96
N ASN A 166 -2.17 -21.33 -3.29
CA ASN A 166 -1.46 -20.57 -4.30
C ASN A 166 -0.01 -20.33 -3.92
N GLU A 167 0.90 -20.95 -4.66
CA GLU A 167 2.34 -20.75 -4.44
C GLU A 167 3.05 -20.39 -5.74
N PRO A 168 3.01 -19.09 -6.10
CA PRO A 168 3.61 -18.57 -7.34
C PRO A 168 5.13 -18.69 -7.36
N TRP A 169 5.73 -19.14 -6.26
CA TRP A 169 7.18 -19.26 -6.16
C TRP A 169 7.66 -20.68 -6.44
N HIS A 170 6.76 -21.64 -6.32
CA HIS A 170 7.12 -23.05 -6.49
C HIS A 170 7.07 -23.48 -7.95
N TYR A 171 8.22 -23.86 -8.49
CA TYR A 171 8.29 -24.34 -9.86
C TYR A 171 8.90 -25.73 -9.94
N ARG A 172 8.34 -26.56 -10.82
CA ARG A 172 8.73 -27.96 -10.93
C ARG A 172 9.18 -28.30 -12.34
N TYR A 173 10.29 -29.02 -12.46
CA TYR A 173 10.79 -29.47 -13.75
C TYR A 173 10.03 -30.71 -14.23
N VAL A 174 9.55 -30.67 -15.46
CA VAL A 174 8.86 -31.81 -16.06
C VAL A 174 9.39 -32.09 -17.46
N GLY A 175 10.24 -31.21 -17.96
CA GLY A 175 10.77 -31.32 -19.31
C GLY A 175 10.10 -30.33 -20.23
N ILE A 176 10.84 -29.87 -21.24
CA ILE A 176 10.34 -28.86 -22.16
C ILE A 176 9.07 -29.31 -22.88
N GLU A 177 9.07 -30.56 -23.34
CA GLU A 177 7.94 -31.12 -24.07
C GLU A 177 6.67 -31.14 -23.22
N ALA A 178 6.80 -31.64 -21.99
CA ALA A 178 5.66 -31.73 -21.10
C ALA A 178 5.19 -30.36 -20.62
N ALA A 179 6.15 -29.51 -20.26
CA ALA A 179 5.84 -28.17 -19.75
C ALA A 179 5.08 -27.33 -20.78
N THR A 180 5.46 -27.49 -22.05
CA THR A 180 4.83 -26.75 -23.13
C THR A 180 3.38 -27.19 -23.32
N LYS A 181 3.16 -28.50 -23.29
CA LYS A 181 1.82 -29.06 -23.44
C LYS A 181 0.96 -28.74 -22.23
N ILE A 182 1.59 -28.67 -21.06
CA ILE A 182 0.88 -28.35 -19.82
C ILE A 182 0.47 -26.88 -19.81
N TYR A 183 1.37 -26.00 -20.26
CA TYR A 183 1.10 -24.57 -20.27
C TYR A 183 0.04 -24.20 -21.31
N HIS A 184 0.13 -24.81 -22.49
CA HIS A 184 -0.80 -24.52 -23.59
C HIS A 184 -2.22 -24.99 -23.28
N GLN A 185 -2.34 -26.07 -22.53
CA GLN A 185 -3.64 -26.64 -22.20
C GLN A 185 -4.19 -26.05 -20.90
N GLY A 186 -3.34 -25.34 -20.16
CA GLY A 186 -3.75 -24.67 -18.95
C GLY A 186 -4.09 -25.63 -17.81
N LEU A 187 -3.42 -26.78 -17.80
CA LEU A 187 -3.65 -27.78 -16.77
C LEU A 187 -2.53 -27.81 -15.74
N CYS A 188 -2.74 -28.56 -14.67
CA CYS A 188 -1.69 -28.82 -13.70
C CYS A 188 -1.10 -30.21 -13.97
N LEU A 189 -0.11 -30.61 -13.19
CA LEU A 189 0.56 -31.88 -13.40
C LEU A 189 -0.40 -33.05 -13.21
N GLU A 190 -1.26 -32.95 -12.19
CA GLU A 190 -2.23 -34.00 -11.89
C GLU A 190 -3.21 -34.23 -13.03
N GLU A 191 -3.67 -33.13 -13.63
CA GLU A 191 -4.59 -33.22 -14.76
C GLU A 191 -3.90 -33.75 -16.01
N TYR A 192 -2.64 -33.37 -16.18
CA TYR A 192 -1.87 -33.79 -17.35
C TYR A 192 -1.59 -35.29 -17.36
N LEU A 193 -1.33 -35.83 -16.17
CA LEU A 193 -1.05 -37.26 -16.03
C LEU A 193 -2.34 -38.07 -16.01
N ASN A 194 -3.47 -37.38 -15.99
CA ASN A 194 -4.78 -38.03 -16.06
C ASN A 194 -5.16 -38.25 -17.51
N THR A 195 -5.48 -39.50 -17.85
CA THR A 195 -5.84 -39.86 -19.22
C THR A 195 -7.15 -39.21 -19.65
N GLU B 17 1.93 0.06 2.54
CA GLU B 17 3.19 0.79 2.46
C GLU B 17 3.61 1.28 3.84
N TRP B 18 4.90 1.56 4.00
CA TRP B 18 5.46 1.97 5.29
C TRP B 18 4.95 3.32 5.76
N SER B 19 4.69 4.22 4.80
CA SER B 19 4.29 5.59 5.12
C SER B 19 2.81 5.68 5.48
N LEU B 20 2.08 4.60 5.25
CA LEU B 20 0.64 4.59 5.51
C LEU B 20 0.30 3.81 6.78
N ILE B 21 1.28 3.66 7.67
CA ILE B 21 1.07 2.94 8.91
C ILE B 21 0.06 3.67 9.80
N LEU B 22 -0.88 2.92 10.35
CA LEU B 22 -1.96 3.50 11.16
C LEU B 22 -1.74 3.26 12.64
N VAL B 23 -1.56 4.34 13.39
CA VAL B 23 -1.42 4.26 14.83
C VAL B 23 -2.49 5.10 15.53
N ASN B 24 -3.08 4.53 16.58
CA ASN B 24 -4.08 5.21 17.38
C ASN B 24 -4.18 4.61 18.77
N ARG B 25 -5.11 5.07 19.58
CA ARG B 25 -5.26 4.61 20.96
C ARG B 25 -5.18 3.13 21.21
N GLN B 26 -5.66 2.35 20.26
CA GLN B 26 -5.66 0.90 20.45
C GLN B 26 -4.54 0.21 19.69
N ASN B 27 -3.86 0.95 18.82
CA ASN B 27 -2.75 0.39 18.05
C ASN B 27 -1.46 1.18 18.24
N PRO B 28 -0.63 0.74 19.20
CA PRO B 28 0.61 1.43 19.56
C PRO B 28 1.70 1.27 18.50
N ILE B 29 2.83 1.93 18.71
CA ILE B 29 4.01 1.71 17.89
C ILE B 29 4.42 0.25 18.05
N PRO B 30 4.47 -0.49 16.92
CA PRO B 30 4.66 -1.95 16.87
C PRO B 30 5.82 -2.50 17.71
N ALA B 31 6.72 -1.63 18.16
CA ALA B 31 7.93 -2.01 18.90
C ALA B 31 8.87 -2.86 18.04
N GLN B 32 8.47 -3.08 16.79
CA GLN B 32 9.31 -3.72 15.78
C GLN B 32 9.88 -2.60 14.93
N TYR B 33 9.82 -1.39 15.47
CA TYR B 33 10.08 -0.17 14.72
C TYR B 33 11.34 0.54 15.20
N ASP B 34 12.43 0.39 14.47
CA ASP B 34 13.65 1.14 14.75
C ASP B 34 13.78 2.29 13.76
N VAL B 35 13.32 3.47 14.17
CA VAL B 35 13.31 4.63 13.29
C VAL B 35 14.65 5.36 13.31
N GLU B 36 15.24 5.52 12.14
CA GLU B 36 16.48 6.28 12.01
C GLU B 36 16.17 7.77 11.97
N LEU B 37 16.65 8.50 12.98
CA LEU B 37 16.33 9.91 13.11
C LEU B 37 17.52 10.80 12.75
N GLU B 38 17.22 12.03 12.34
CA GLU B 38 18.24 13.05 12.17
C GLU B 38 17.80 14.32 12.87
N GLN B 39 18.75 15.04 13.45
CA GLN B 39 18.42 16.24 14.22
C GLN B 39 18.29 17.46 13.33
N LEU B 40 17.21 18.21 13.51
CA LEU B 40 17.07 19.51 12.88
C LEU B 40 17.88 20.52 13.66
N SER B 41 17.96 21.75 13.15
CA SER B 41 18.77 22.78 13.79
C SER B 41 18.27 23.16 15.18
N ASN B 42 16.96 23.08 15.39
CA ASN B 42 16.38 23.48 16.67
C ASN B 42 16.41 22.37 17.72
N GLY B 43 16.97 21.23 17.35
CA GLY B 43 17.10 20.11 18.26
C GLY B 43 16.02 19.06 18.13
N GLU B 44 14.97 19.37 17.37
CA GLU B 44 13.92 18.40 17.10
C GLU B 44 14.41 17.33 16.15
N ARG B 45 13.78 16.16 16.20
CA ARG B 45 14.19 15.03 15.36
C ARG B 45 13.04 14.51 14.51
N ILE B 46 13.38 14.07 13.30
CA ILE B 46 12.41 13.50 12.37
C ILE B 46 13.00 12.26 11.72
N ASP B 47 12.13 11.45 11.10
CA ASP B 47 12.60 10.31 10.33
C ASP B 47 13.38 10.80 9.11
N ILE B 48 14.52 10.17 8.84
CA ILE B 48 15.39 10.63 7.77
C ILE B 48 14.76 10.48 6.38
N ARG B 49 13.73 9.66 6.28
CA ARG B 49 13.06 9.42 5.01
C ARG B 49 12.20 10.62 4.60
N ILE B 50 11.74 11.39 5.59
CA ILE B 50 10.85 12.51 5.32
C ILE B 50 11.60 13.84 5.35
N SER B 51 12.88 13.79 5.71
CA SER B 51 13.70 14.99 5.84
C SER B 51 13.76 15.86 4.57
N PRO B 52 14.05 15.25 3.40
CA PRO B 52 14.12 16.13 2.22
C PRO B 52 12.75 16.68 1.81
N TYR B 53 11.69 15.98 2.19
CA TYR B 53 10.34 16.43 1.87
C TYR B 53 9.92 17.58 2.78
N LEU B 54 10.29 17.50 4.05
CA LEU B 54 10.00 18.56 5.00
C LEU B 54 10.78 19.82 4.64
N GLN B 55 12.02 19.65 4.22
CA GLN B 55 12.88 20.76 3.83
C GLN B 55 12.31 21.49 2.61
N ASP B 56 11.81 20.73 1.64
CA ASP B 56 11.19 21.31 0.45
C ASP B 56 9.87 21.99 0.82
N LEU B 57 9.16 21.42 1.78
CA LEU B 57 7.90 21.98 2.25
C LEU B 57 8.10 23.36 2.85
N PHE B 58 9.19 23.52 3.61
CA PHE B 58 9.48 24.79 4.27
C PHE B 58 10.08 25.82 3.31
N ASP B 59 10.91 25.36 2.39
CA ASP B 59 11.52 26.24 1.40
C ASP B 59 10.47 26.86 0.48
N ALA B 60 9.51 26.04 0.06
CA ALA B 60 8.42 26.49 -0.79
C ALA B 60 7.53 27.47 -0.03
N ALA B 61 7.37 27.23 1.28
CA ALA B 61 6.61 28.13 2.13
C ALA B 61 7.29 29.49 2.22
N ARG B 62 8.59 29.48 2.43
CA ARG B 62 9.36 30.71 2.59
C ARG B 62 9.44 31.51 1.30
N ALA B 63 9.26 30.83 0.17
CA ALA B 63 9.23 31.50 -1.12
C ALA B 63 7.92 32.26 -1.30
N ASP B 64 6.91 31.87 -0.53
CA ASP B 64 5.61 32.53 -0.57
C ASP B 64 5.43 33.47 0.62
N GLY B 65 6.52 33.73 1.34
CA GLY B 65 6.50 34.64 2.47
C GLY B 65 5.95 34.00 3.74
N VAL B 66 5.91 32.67 3.76
CA VAL B 66 5.41 31.93 4.91
C VAL B 66 6.55 31.21 5.60
N TYR B 67 6.77 31.50 6.88
CA TYR B 67 7.93 30.98 7.60
C TYR B 67 7.53 30.07 8.75
N PRO B 68 7.54 28.75 8.48
CA PRO B 68 7.16 27.74 9.48
C PRO B 68 8.34 27.22 10.28
N ILE B 69 8.07 26.68 11.46
CA ILE B 69 9.08 26.01 12.27
C ILE B 69 8.56 24.67 12.75
N VAL B 70 9.47 23.76 13.06
CA VAL B 70 9.08 22.47 13.62
C VAL B 70 9.06 22.56 15.15
N ALA B 71 7.86 22.63 15.71
CA ALA B 71 7.69 22.78 17.15
C ALA B 71 7.92 21.44 17.86
N SER B 72 7.49 20.36 17.22
CA SER B 72 7.66 19.03 17.79
C SER B 72 7.78 17.98 16.70
N GLY B 73 8.88 17.24 16.71
CA GLY B 73 9.08 16.15 15.78
C GLY B 73 8.89 14.81 16.44
N TYR B 74 9.98 14.09 16.64
CA TYR B 74 9.94 12.79 17.31
C TYR B 74 9.72 12.93 18.81
N ARG B 75 8.89 12.06 19.36
CA ARG B 75 8.67 12.01 20.81
C ARG B 75 8.87 10.60 21.35
N THR B 76 9.35 10.52 22.59
CA THR B 76 9.47 9.24 23.27
C THR B 76 8.16 8.92 23.97
N THR B 77 8.05 7.68 24.48
CA THR B 77 6.84 7.26 25.17
C THR B 77 6.60 8.08 26.43
N GLU B 78 7.64 8.27 27.23
CA GLU B 78 7.53 9.04 28.46
C GLU B 78 7.20 10.49 28.16
N LYS B 79 7.70 10.99 27.03
CA LYS B 79 7.41 12.35 26.60
C LYS B 79 5.92 12.54 26.37
N GLN B 80 5.32 11.61 25.64
CA GLN B 80 3.88 11.62 25.40
C GLN B 80 3.11 11.44 26.71
N GLN B 81 3.70 10.69 27.64
CA GLN B 81 3.09 10.47 28.94
C GLN B 81 3.05 11.77 29.73
N GLU B 82 4.12 12.55 29.63
CA GLU B 82 4.19 13.84 30.31
C GLU B 82 3.19 14.83 29.73
N ILE B 83 3.06 14.83 28.40
CA ILE B 83 2.11 15.72 27.72
C ILE B 83 0.68 15.32 28.04
N MET B 84 0.44 14.02 28.14
CA MET B 84 -0.88 13.51 28.49
C MET B 84 -1.28 13.93 29.90
N ASP B 85 -0.37 13.73 30.85
CA ASP B 85 -0.64 14.03 32.25
C ASP B 85 -0.90 15.52 32.47
N GLU B 86 -0.11 16.37 31.83
CA GLU B 86 -0.27 17.81 31.96
C GLU B 86 -1.58 18.28 31.34
N LYS B 87 -1.98 17.63 30.25
CA LYS B 87 -3.23 17.96 29.58
C LYS B 87 -4.42 17.61 30.48
N VAL B 88 -4.36 16.42 31.07
CA VAL B 88 -5.38 15.98 32.02
C VAL B 88 -5.43 16.93 33.21
N ALA B 89 -4.26 17.37 33.65
CA ALA B 89 -4.15 18.31 34.76
C ALA B 89 -4.81 19.65 34.44
N GLU B 90 -4.70 20.08 33.18
CA GLU B 90 -5.30 21.33 32.74
C GLU B 90 -6.82 21.30 32.86
N TYR B 91 -7.41 20.19 32.43
CA TYR B 91 -8.86 20.04 32.49
C TYR B 91 -9.35 19.93 33.92
N LYS B 92 -8.62 19.21 34.76
CA LYS B 92 -8.97 19.10 36.17
C LYS B 92 -8.83 20.46 36.87
N ALA B 93 -7.99 21.32 36.31
CA ALA B 93 -7.79 22.66 36.84
C ALA B 93 -8.93 23.59 36.45
N LYS B 94 -9.71 23.19 35.45
CA LYS B 94 -10.84 24.01 35.01
C LYS B 94 -12.18 23.32 35.26
N GLY B 95 -12.26 22.59 36.37
CA GLY B 95 -13.53 22.06 36.84
C GLY B 95 -13.99 20.73 36.28
N TYR B 96 -13.07 19.97 35.69
CA TYR B 96 -13.41 18.64 35.19
C TYR B 96 -12.97 17.56 36.15
N THR B 97 -13.80 16.54 36.32
CA THR B 97 -13.44 15.39 37.13
C THR B 97 -12.35 14.59 36.41
N SER B 98 -11.77 13.61 37.09
CA SER B 98 -10.72 12.79 36.50
C SER B 98 -11.19 12.08 35.23
N ALA B 99 -12.37 11.48 35.30
CA ALA B 99 -12.92 10.75 34.15
C ALA B 99 -13.20 11.68 32.97
N GLN B 100 -13.80 12.84 33.25
CA GLN B 100 -14.09 13.82 32.21
C GLN B 100 -12.82 14.41 31.63
N ALA B 101 -11.85 14.69 32.49
CA ALA B 101 -10.57 15.25 32.05
C ALA B 101 -9.84 14.28 31.13
N LYS B 102 -9.84 13.00 31.50
CA LYS B 102 -9.18 11.97 30.69
C LYS B 102 -9.83 11.86 29.32
N ALA B 103 -11.16 11.83 29.29
CA ALA B 103 -11.89 11.71 28.03
C ALA B 103 -11.63 12.91 27.12
N ALA B 104 -11.58 14.09 27.71
CA ALA B 104 -11.35 15.31 26.95
C ALA B 104 -9.91 15.40 26.46
N ALA B 105 -8.98 14.96 27.29
CA ALA B 105 -7.55 15.04 26.97
C ALA B 105 -7.17 14.12 25.82
N GLU B 106 -7.81 12.96 25.75
CA GLU B 106 -7.48 11.96 24.75
C GLU B 106 -8.04 12.32 23.37
N THR B 107 -8.74 13.44 23.28
CA THR B 107 -9.21 13.95 22.00
C THR B 107 -8.23 14.96 21.45
N TRP B 108 -7.19 15.24 22.23
CA TRP B 108 -6.13 16.16 21.81
C TRP B 108 -4.78 15.46 21.84
N VAL B 109 -4.49 14.79 22.96
CA VAL B 109 -3.23 14.09 23.14
C VAL B 109 -3.39 12.60 22.89
N ALA B 110 -2.54 12.05 22.02
CA ALA B 110 -2.55 10.62 21.74
C ALA B 110 -2.08 9.84 22.96
N VAL B 111 -2.66 8.66 23.15
CA VAL B 111 -2.25 7.77 24.24
C VAL B 111 -0.76 7.43 24.10
N PRO B 112 -0.01 7.61 25.20
CA PRO B 112 1.44 7.34 25.25
C PRO B 112 1.81 5.99 24.67
N GLY B 113 2.62 6.00 23.61
CA GLY B 113 3.01 4.78 22.93
C GLY B 113 2.28 4.59 21.63
N THR B 114 1.35 5.50 21.33
CA THR B 114 0.50 5.38 20.14
C THR B 114 0.56 6.62 19.26
N SER B 115 1.39 7.59 19.63
CA SER B 115 1.45 8.86 18.90
C SER B 115 2.18 8.71 17.56
N GLU B 116 1.74 9.48 16.58
CA GLU B 116 2.40 9.51 15.28
C GLU B 116 3.79 10.14 15.39
N HIS B 117 3.98 10.97 16.43
CA HIS B 117 5.26 11.60 16.67
C HIS B 117 6.33 10.57 17.05
N GLN B 118 5.90 9.45 17.61
CA GLN B 118 6.82 8.39 18.00
C GLN B 118 7.30 7.57 16.81
N LEU B 119 6.71 7.85 15.65
CA LEU B 119 7.13 7.22 14.40
C LEU B 119 8.18 8.06 13.69
N GLY B 120 8.24 9.34 14.04
CA GLY B 120 9.14 10.27 13.38
C GLY B 120 8.55 10.76 12.07
N LEU B 121 7.27 10.47 11.85
CA LEU B 121 6.59 10.82 10.61
C LEU B 121 5.61 11.96 10.83
N ALA B 122 5.50 12.42 12.07
CA ALA B 122 4.58 13.52 12.38
C ALA B 122 5.33 14.75 12.86
N VAL B 123 4.92 15.91 12.37
CA VAL B 123 5.53 17.17 12.77
CA VAL B 123 5.53 17.17 12.76
C VAL B 123 4.48 18.21 13.13
N ASP B 124 4.59 18.77 14.32
CA ASP B 124 3.70 19.84 14.73
C ASP B 124 4.34 21.17 14.34
N ILE B 125 3.74 21.84 13.37
CA ILE B 125 4.34 23.03 12.76
C ILE B 125 3.77 24.33 13.32
N ASN B 126 4.67 25.23 13.72
CA ASN B 126 4.27 26.55 14.16
C ASN B 126 4.91 27.63 13.28
N ALA B 127 4.55 28.87 13.53
CA ALA B 127 5.16 30.00 12.84
C ALA B 127 6.38 30.48 13.61
N ASP B 128 7.32 31.12 12.92
CA ASP B 128 8.51 31.66 13.57
C ASP B 128 8.17 32.89 14.38
N GLY B 129 6.97 33.42 14.16
CA GLY B 129 6.48 34.56 14.92
C GLY B 129 6.87 35.90 14.31
N ILE B 130 8.14 36.01 13.91
CA ILE B 130 8.66 37.26 13.36
C ILE B 130 8.10 37.55 11.97
N HIS B 131 8.27 36.61 11.05
CA HIS B 131 7.85 36.81 9.67
C HIS B 131 6.38 36.47 9.45
N SER B 132 5.88 35.45 10.16
CA SER B 132 4.52 34.97 9.93
C SER B 132 3.78 34.70 11.24
N THR B 133 2.46 34.67 11.17
CA THR B 133 1.62 34.32 12.31
C THR B 133 1.20 32.85 12.21
N GLY B 134 0.58 32.35 13.26
CA GLY B 134 0.13 30.97 13.30
C GLY B 134 -0.88 30.63 12.22
N ASN B 135 -1.93 31.43 12.11
CA ASN B 135 -2.97 31.18 11.12
C ASN B 135 -2.46 31.29 9.69
N GLU B 136 -1.41 32.08 9.49
CA GLU B 136 -0.82 32.25 8.16
C GLU B 136 -0.12 30.97 7.69
N VAL B 137 0.61 30.32 8.60
CA VAL B 137 1.31 29.10 8.22
C VAL B 137 0.33 27.92 8.18
N TYR B 138 -0.71 27.96 9.00
CA TYR B 138 -1.72 26.91 9.01
C TYR B 138 -2.53 26.94 7.73
N ARG B 139 -2.79 28.14 7.22
CA ARG B 139 -3.51 28.32 5.97
C ARG B 139 -2.71 27.81 4.77
N TRP B 140 -1.44 28.19 4.71
CA TRP B 140 -0.57 27.79 3.60
C TRP B 140 -0.39 26.27 3.58
N LEU B 141 -0.14 25.70 4.74
CA LEU B 141 0.03 24.25 4.87
C LEU B 141 -1.23 23.52 4.41
N ASP B 142 -2.38 24.03 4.81
CA ASP B 142 -3.66 23.41 4.48
C ASP B 142 -3.88 23.29 2.97
N GLU B 143 -3.24 24.16 2.20
CA GLU B 143 -3.45 24.21 0.76
C GLU B 143 -2.22 23.80 -0.05
N ASN B 144 -1.14 23.42 0.62
CA ASN B 144 0.11 23.13 -0.07
C ASN B 144 0.88 21.92 0.44
N SER B 145 0.60 21.49 1.67
CA SER B 145 1.38 20.42 2.31
C SER B 145 1.29 19.09 1.56
N TYR B 146 0.14 18.83 0.96
CA TYR B 146 -0.10 17.56 0.27
C TYR B 146 0.84 17.38 -0.91
N ARG B 147 1.27 18.50 -1.49
CA ARG B 147 2.18 18.48 -2.64
C ARG B 147 3.56 17.97 -2.25
N PHE B 148 3.84 17.92 -0.95
CA PHE B 148 5.14 17.51 -0.46
C PHE B 148 5.06 16.27 0.42
N GLY B 149 3.88 15.65 0.46
CA GLY B 149 3.71 14.38 1.14
C GLY B 149 3.14 14.47 2.54
N PHE B 150 2.73 15.66 2.95
CA PHE B 150 2.18 15.87 4.29
C PHE B 150 0.69 16.19 4.24
N ILE B 151 -0.08 15.57 5.12
CA ILE B 151 -1.51 15.83 5.18
C ILE B 151 -1.92 16.47 6.50
N ARG B 152 -2.98 17.28 6.44
CA ARG B 152 -3.61 17.78 7.64
C ARG B 152 -4.31 16.60 8.31
N ARG B 153 -3.56 15.91 9.18
CA ARG B 153 -3.96 14.62 9.73
C ARG B 153 -5.33 14.62 10.40
N TYR B 154 -5.66 15.71 11.10
CA TYR B 154 -6.93 15.77 11.83
C TYR B 154 -7.75 17.01 11.47
N PRO B 155 -8.47 16.94 10.34
CA PRO B 155 -9.32 18.03 9.85
C PRO B 155 -10.52 18.29 10.75
N PRO B 156 -11.09 19.51 10.70
CA PRO B 156 -12.27 19.86 11.49
C PRO B 156 -13.51 19.03 11.16
N ASP B 157 -13.64 18.63 9.90
CA ASP B 157 -14.81 17.88 9.46
C ASP B 157 -14.59 16.37 9.46
N LYS B 158 -13.49 15.93 10.07
CA LYS B 158 -13.17 14.51 10.14
C LYS B 158 -12.98 14.07 11.59
N THR B 159 -13.40 14.90 12.53
CA THR B 159 -13.24 14.61 13.95
C THR B 159 -14.02 13.36 14.36
N GLU B 160 -15.12 13.10 13.66
CA GLU B 160 -15.95 11.94 13.94
C GLU B 160 -15.23 10.65 13.55
N ILE B 161 -14.49 10.71 12.45
CA ILE B 161 -13.81 9.53 11.91
C ILE B 161 -12.41 9.37 12.50
N THR B 162 -11.70 10.47 12.65
CA THR B 162 -10.36 10.43 13.23
C THR B 162 -10.42 10.24 14.75
N GLY B 163 -11.49 10.73 15.35
CA GLY B 163 -11.64 10.66 16.80
C GLY B 163 -10.74 11.66 17.51
N VAL B 164 -10.19 12.59 16.73
CA VAL B 164 -9.29 13.60 17.27
C VAL B 164 -9.78 15.00 16.89
N SER B 165 -9.66 15.94 17.82
CA SER B 165 -10.13 17.30 17.60
C SER B 165 -9.32 18.03 16.53
N ASN B 166 -9.78 19.21 16.15
CA ASN B 166 -9.11 20.01 15.14
C ASN B 166 -7.72 20.46 15.58
N GLU B 167 -6.70 20.03 14.84
CA GLU B 167 -5.32 20.38 15.15
C GLU B 167 -4.59 20.83 13.89
N PRO B 168 -4.73 22.11 13.53
CA PRO B 168 -4.17 22.71 12.31
C PRO B 168 -2.64 22.70 12.27
N TRP B 169 -2.01 22.31 13.37
CA TRP B 169 -0.56 22.30 13.46
C TRP B 169 0.02 20.92 13.19
N HIS B 170 -0.80 19.89 13.36
CA HIS B 170 -0.34 18.51 13.25
C HIS B 170 -0.37 18.01 11.81
N TYR B 171 0.81 17.73 11.26
CA TYR B 171 0.90 17.23 9.90
C TYR B 171 1.66 15.91 9.82
N ARG B 172 1.04 14.94 9.14
CA ARG B 172 1.57 13.58 9.03
C ARG B 172 2.06 13.30 7.61
N TYR B 173 3.24 12.70 7.51
CA TYR B 173 3.79 12.30 6.20
C TYR B 173 3.19 10.98 5.75
N VAL B 174 2.64 10.97 4.54
CA VAL B 174 2.10 9.75 3.95
C VAL B 174 2.65 9.56 2.54
N GLY B 175 3.51 10.48 2.12
CA GLY B 175 4.05 10.46 0.78
C GLY B 175 3.23 11.33 -0.15
N ILE B 176 3.87 11.83 -1.21
CA ILE B 176 3.23 12.73 -2.15
C ILE B 176 2.00 12.11 -2.83
N GLU B 177 2.17 10.89 -3.33
CA GLU B 177 1.10 10.18 -4.04
C GLU B 177 -0.16 10.05 -3.18
N ALA B 178 -0.01 9.53 -1.98
CA ALA B 178 -1.13 9.34 -1.07
C ALA B 178 -1.72 10.69 -0.65
N ALA B 179 -0.85 11.63 -0.28
CA ALA B 179 -1.29 12.95 0.18
C ALA B 179 -2.14 13.67 -0.85
N THR B 180 -1.74 13.57 -2.12
CA THR B 180 -2.44 14.22 -3.20
C THR B 180 -3.84 13.62 -3.38
N LYS B 181 -3.92 12.29 -3.32
CA LYS B 181 -5.18 11.59 -3.46
C LYS B 181 -6.10 11.87 -2.27
N ILE B 182 -5.52 11.86 -1.07
CA ILE B 182 -6.27 12.14 0.15
C ILE B 182 -6.84 13.56 0.13
N TYR B 183 -6.03 14.52 -0.32
CA TYR B 183 -6.45 15.91 -0.41
C TYR B 183 -7.55 16.10 -1.45
N HIS B 184 -7.34 15.54 -2.65
CA HIS B 184 -8.27 15.72 -3.75
C HIS B 184 -9.62 15.06 -3.48
N GLN B 185 -9.60 13.86 -2.92
CA GLN B 185 -10.83 13.12 -2.65
C GLN B 185 -11.53 13.66 -1.40
N GLY B 186 -10.84 14.55 -0.68
CA GLY B 186 -11.42 15.19 0.48
C GLY B 186 -11.77 14.24 1.59
N LEU B 187 -10.81 13.43 2.01
CA LEU B 187 -11.04 12.46 3.08
C LEU B 187 -9.89 12.47 4.08
N CYS B 188 -10.00 11.63 5.11
CA CYS B 188 -8.93 11.49 6.09
C CYS B 188 -8.20 10.17 5.86
N LEU B 189 -7.13 9.96 6.62
CA LEU B 189 -6.30 8.77 6.47
C LEU B 189 -7.09 7.49 6.74
N GLU B 190 -8.02 7.56 7.69
CA GLU B 190 -8.83 6.39 8.06
C GLU B 190 -9.72 5.93 6.91
N GLU B 191 -10.24 6.88 6.14
CA GLU B 191 -11.07 6.56 4.98
C GLU B 191 -10.23 6.03 3.83
N TYR B 192 -9.03 6.60 3.67
CA TYR B 192 -8.13 6.22 2.60
C TYR B 192 -7.61 4.79 2.79
N LEU B 193 -7.34 4.43 4.04
CA LEU B 193 -6.81 3.10 4.34
C LEU B 193 -7.88 2.02 4.26
N ASN B 194 -9.13 2.43 4.08
CA ASN B 194 -10.23 1.48 4.02
C ASN B 194 -10.28 0.75 2.67
N THR B 195 -9.31 -0.13 2.45
CA THR B 195 -9.36 -1.05 1.33
C THR B 195 -10.12 -2.29 1.79
N GLU B 196 -11.38 -2.37 1.38
CA GLU B 196 -12.32 -3.38 1.89
C GLU B 196 -11.89 -4.82 1.63
N LYS B 197 -10.86 -5.00 0.81
CA LYS B 197 -10.30 -6.33 0.57
C LYS B 197 -9.72 -6.92 1.85
N GLU C 17 18.68 25.13 -4.84
CA GLU C 17 19.78 25.86 -5.47
C GLU C 17 20.53 24.97 -6.46
N TRP C 18 21.02 23.84 -5.97
CA TRP C 18 21.77 22.89 -6.79
C TRP C 18 20.90 22.27 -7.88
N SER C 19 19.60 22.18 -7.61
CA SER C 19 18.67 21.54 -8.53
C SER C 19 18.21 22.47 -9.64
N LEU C 20 18.65 23.73 -9.57
CA LEU C 20 18.25 24.73 -10.55
C LEU C 20 19.41 25.15 -11.44
N ILE C 21 20.45 24.32 -11.50
CA ILE C 21 21.62 24.62 -12.33
C ILE C 21 21.26 24.52 -13.81
N LEU C 22 21.61 25.55 -14.57
CA LEU C 22 21.32 25.59 -15.99
C LEU C 22 22.47 25.02 -16.81
N VAL C 23 22.22 23.92 -17.50
CA VAL C 23 23.25 23.29 -18.31
C VAL C 23 22.80 23.08 -19.75
N ASN C 24 23.41 23.84 -20.65
CA ASN C 24 23.28 23.61 -22.09
C ASN C 24 24.57 24.09 -22.74
N ARG C 25 24.48 24.72 -23.90
CA ARG C 25 25.68 25.22 -24.56
C ARG C 25 26.18 26.49 -23.86
N GLN C 26 25.17 27.37 -23.77
CA GLN C 26 25.31 28.77 -23.40
C GLN C 26 25.86 28.74 -22.06
N ASN C 27 25.27 27.85 -21.30
CA ASN C 27 25.84 27.69 -19.99
C ASN C 27 26.31 26.25 -20.01
N PRO C 28 27.62 26.01 -19.95
CA PRO C 28 27.98 24.58 -19.97
C PRO C 28 28.24 24.03 -18.56
N ILE C 29 28.63 22.76 -18.49
CA ILE C 29 28.92 22.11 -17.21
C ILE C 29 30.08 22.78 -16.48
N PRO C 30 29.89 23.04 -15.19
CA PRO C 30 30.93 23.66 -14.35
C PRO C 30 32.13 22.74 -14.43
N ALA C 31 33.34 23.27 -14.42
CA ALA C 31 34.54 22.47 -14.66
C ALA C 31 34.88 21.30 -13.72
N GLN C 32 34.43 21.32 -12.50
CA GLN C 32 34.77 20.19 -11.72
C GLN C 32 33.44 19.92 -11.12
N TYR C 33 32.44 19.57 -11.90
CA TYR C 33 31.15 19.30 -11.27
C TYR C 33 31.09 17.88 -10.68
N ASP C 34 31.47 17.68 -9.42
CA ASP C 34 31.39 16.32 -8.91
C ASP C 34 30.03 16.06 -8.28
N VAL C 35 29.45 14.89 -8.58
CA VAL C 35 28.14 14.56 -8.09
C VAL C 35 28.13 13.18 -7.39
N GLU C 36 27.58 13.14 -6.20
CA GLU C 36 27.46 11.91 -5.45
C GLU C 36 26.40 11.05 -6.10
N LEU C 37 26.78 9.90 -6.61
CA LEU C 37 25.88 9.04 -7.37
C LEU C 37 25.56 7.74 -6.65
N GLU C 38 24.36 7.22 -6.90
CA GLU C 38 23.99 5.89 -6.42
C GLU C 38 23.47 5.06 -7.60
N GLN C 39 23.57 3.75 -7.48
CA GLN C 39 23.19 2.85 -8.57
C GLN C 39 21.73 2.40 -8.46
N LEU C 40 21.01 2.43 -9.57
CA LEU C 40 19.63 1.97 -9.60
C LEU C 40 19.57 0.46 -9.80
N SER C 41 18.36 -0.06 -9.99
CA SER C 41 18.16 -1.50 -10.12
C SER C 41 18.35 -1.99 -11.55
N ASN C 42 19.06 -1.21 -12.36
CA ASN C 42 19.33 -1.59 -13.74
C ASN C 42 20.72 -1.15 -14.19
N GLY C 43 21.52 -0.67 -13.26
CA GLY C 43 22.88 -0.25 -13.55
C GLY C 43 23.03 1.24 -13.75
N GLU C 44 21.92 1.90 -14.10
CA GLU C 44 21.94 3.33 -14.33
C GLU C 44 22.18 4.09 -13.03
N ARG C 45 22.88 5.22 -13.13
CA ARG C 45 23.26 5.99 -11.95
C ARG C 45 22.63 7.38 -11.95
N ILE C 46 22.21 7.82 -10.77
CA ILE C 46 21.63 9.15 -10.61
C ILE C 46 22.19 9.84 -9.38
N ASP C 47 21.87 11.12 -9.22
CA ASP C 47 22.24 11.85 -8.02
C ASP C 47 21.50 11.24 -6.83
N ILE C 48 22.20 11.09 -5.70
CA ILE C 48 21.61 10.47 -4.53
C ILE C 48 20.51 11.34 -3.91
N ARG C 49 20.48 12.61 -4.29
CA ARG C 49 19.52 13.55 -3.74
C ARG C 49 18.18 13.50 -4.46
N ILE C 50 18.17 12.94 -5.66
CA ILE C 50 16.95 12.82 -6.44
C ILE C 50 16.36 11.41 -6.35
N SER C 51 17.06 10.54 -5.64
CA SER C 51 16.66 9.14 -5.49
C SER C 51 15.25 8.92 -4.94
N PRO C 52 14.90 9.56 -3.81
CA PRO C 52 13.56 9.26 -3.29
C PRO C 52 12.43 9.86 -4.15
N TYR C 53 12.73 10.94 -4.85
CA TYR C 53 11.75 11.59 -5.72
C TYR C 53 11.48 10.74 -6.96
N LEU C 54 12.53 10.13 -7.50
CA LEU C 54 12.40 9.28 -8.67
C LEU C 54 11.63 8.01 -8.34
N GLN C 55 11.86 7.50 -7.13
CA GLN C 55 11.15 6.30 -6.68
C GLN C 55 9.66 6.58 -6.53
N ASP C 56 9.32 7.74 -5.96
CA ASP C 56 7.93 8.14 -5.80
C ASP C 56 7.25 8.35 -7.15
N LEU C 57 8.03 8.83 -8.12
CA LEU C 57 7.53 9.06 -9.47
C LEU C 57 7.09 7.76 -10.13
N PHE C 58 7.92 6.73 -10.00
CA PHE C 58 7.64 5.44 -10.62
C PHE C 58 6.53 4.69 -9.89
N ASP C 59 6.55 4.74 -8.56
CA ASP C 59 5.55 4.06 -7.75
C ASP C 59 4.15 4.58 -8.04
N ALA C 60 4.03 5.90 -8.15
CA ALA C 60 2.74 6.53 -8.45
C ALA C 60 2.30 6.19 -9.86
N ALA C 61 3.27 5.99 -10.75
CA ALA C 61 2.99 5.63 -12.13
C ALA C 61 2.40 4.23 -12.21
N ARG C 62 2.98 3.31 -11.45
CA ARG C 62 2.51 1.93 -11.43
C ARG C 62 1.13 1.81 -10.79
N ALA C 63 0.79 2.77 -9.93
CA ALA C 63 -0.51 2.80 -9.29
C ALA C 63 -1.60 3.18 -10.29
N ASP C 64 -1.20 3.86 -11.36
CA ASP C 64 -2.15 4.25 -12.41
C ASP C 64 -2.05 3.32 -13.61
N GLY C 65 -1.18 2.31 -13.49
CA GLY C 65 -1.04 1.31 -14.54
C GLY C 65 0.14 1.55 -15.47
N VAL C 66 0.86 2.64 -15.24
CA VAL C 66 2.00 3.00 -16.08
C VAL C 66 3.30 2.42 -15.52
N TYR C 67 4.02 1.66 -16.34
CA TYR C 67 5.25 1.03 -15.90
C TYR C 67 6.46 1.55 -16.68
N PRO C 68 7.17 2.53 -16.10
CA PRO C 68 8.35 3.13 -16.72
C PRO C 68 9.67 2.55 -16.24
N ILE C 69 10.73 2.76 -17.01
CA ILE C 69 12.07 2.33 -16.64
C ILE C 69 13.10 3.42 -17.00
N VAL C 70 14.22 3.44 -16.28
CA VAL C 70 15.28 4.40 -16.58
C VAL C 70 16.23 3.85 -17.64
N ALA C 71 16.13 4.38 -18.85
CA ALA C 71 16.97 3.94 -19.95
C ALA C 71 18.39 4.47 -19.79
N SER C 72 18.51 5.74 -19.43
CA SER C 72 19.80 6.37 -19.24
C SER C 72 19.78 7.36 -18.08
N GLY C 73 20.84 7.33 -17.28
CA GLY C 73 20.98 8.23 -16.15
C GLY C 73 22.22 9.08 -16.29
N TYR C 74 23.21 8.85 -15.42
CA TYR C 74 24.47 9.57 -15.49
C TYR C 74 25.31 9.08 -16.67
N ARG C 75 25.92 10.03 -17.39
CA ARG C 75 26.81 9.70 -18.48
C ARG C 75 28.16 10.37 -18.30
N THR C 76 29.23 9.69 -18.71
CA THR C 76 30.56 10.26 -18.70
C THR C 76 30.80 11.04 -19.98
N THR C 77 31.96 11.70 -20.08
CA THR C 77 32.31 12.45 -21.27
C THR C 77 32.42 11.52 -22.48
N GLU C 78 33.08 10.40 -22.30
CA GLU C 78 33.25 9.41 -23.36
C GLU C 78 31.91 8.79 -23.74
N LYS C 79 31.09 8.50 -22.74
CA LYS C 79 29.78 7.89 -22.97
C LYS C 79 28.88 8.81 -23.81
N GLN C 80 28.89 10.09 -23.47
CA GLN C 80 28.14 11.09 -24.24
C GLN C 80 28.70 11.20 -25.65
N GLN C 81 30.01 10.96 -25.78
CA GLN C 81 30.66 11.01 -27.09
C GLN C 81 30.24 9.83 -27.96
N GLU C 82 30.09 8.66 -27.36
CA GLU C 82 29.67 7.46 -28.08
C GLU C 82 28.24 7.62 -28.61
N ILE C 83 27.37 8.19 -27.77
CA ILE C 83 25.98 8.45 -28.15
C ILE C 83 25.93 9.52 -29.24
N MET C 84 26.84 10.48 -29.14
CA MET C 84 26.98 11.52 -30.16
C MET C 84 27.36 10.93 -31.50
N ASP C 85 28.39 10.08 -31.50
CA ASP C 85 28.90 9.47 -32.73
C ASP C 85 27.88 8.58 -33.40
N GLU C 86 27.12 7.83 -32.61
CA GLU C 86 26.11 6.93 -33.14
C GLU C 86 24.94 7.69 -33.74
N LYS C 87 24.72 8.92 -33.25
CA LYS C 87 23.68 9.79 -33.79
C LYS C 87 24.16 10.42 -35.09
N VAL C 88 25.45 10.74 -35.15
CA VAL C 88 26.06 11.31 -36.35
C VAL C 88 26.06 10.29 -37.48
N ALA C 89 26.48 9.07 -37.17
CA ALA C 89 26.53 7.99 -38.16
C ALA C 89 25.13 7.65 -38.66
N GLU C 90 24.13 7.87 -37.82
CA GLU C 90 22.75 7.62 -38.19
C GLU C 90 22.29 8.61 -39.25
N TYR C 91 22.70 9.86 -39.12
CA TYR C 91 22.35 10.88 -40.09
C TYR C 91 23.12 10.69 -41.39
N LYS C 92 24.39 10.33 -41.28
CA LYS C 92 25.23 10.12 -42.45
C LYS C 92 24.77 8.91 -43.26
N ALA C 93 24.01 8.04 -42.62
CA ALA C 93 23.44 6.88 -43.30
C ALA C 93 22.17 7.24 -44.08
N LYS C 94 21.75 8.49 -43.95
CA LYS C 94 20.57 8.97 -44.66
C LYS C 94 20.91 10.00 -45.74
N GLY C 95 22.19 10.15 -46.02
CA GLY C 95 22.63 11.05 -47.08
C GLY C 95 23.18 12.37 -46.58
N TYR C 96 23.27 12.53 -45.27
CA TYR C 96 23.85 13.73 -44.68
C TYR C 96 25.36 13.73 -44.86
N THR C 97 25.92 14.90 -45.15
CA THR C 97 27.37 15.04 -45.17
C THR C 97 27.89 15.06 -43.74
N SER C 98 29.21 14.94 -43.59
CA SER C 98 29.82 14.88 -42.26
C SER C 98 29.53 16.13 -41.44
N ALA C 99 29.59 17.28 -42.10
CA ALA C 99 29.36 18.56 -41.43
C ALA C 99 27.90 18.70 -40.98
N GLN C 100 26.98 18.27 -41.83
CA GLN C 100 25.56 18.41 -41.54
C GLN C 100 25.07 17.34 -40.57
N ALA C 101 25.66 16.15 -40.64
CA ALA C 101 25.30 15.06 -39.74
C ALA C 101 25.67 15.43 -38.30
N LYS C 102 26.83 16.04 -38.13
CA LYS C 102 27.27 16.48 -36.81
C LYS C 102 26.38 17.64 -36.35
N ALA C 103 25.94 18.44 -37.30
CA ALA C 103 25.08 19.59 -37.02
C ALA C 103 23.73 19.12 -36.51
N ALA C 104 23.15 18.15 -37.21
CA ALA C 104 21.84 17.62 -36.87
C ALA C 104 21.85 16.89 -35.54
N ALA C 105 22.94 16.18 -35.27
CA ALA C 105 23.06 15.39 -34.05
C ALA C 105 23.13 16.28 -32.80
N GLU C 106 23.65 17.49 -32.97
CA GLU C 106 23.78 18.42 -31.86
C GLU C 106 22.44 19.06 -31.49
N THR C 107 21.41 18.77 -32.28
CA THR C 107 20.06 19.24 -31.97
C THR C 107 19.33 18.18 -31.14
N TRP C 108 19.89 16.98 -31.09
CA TRP C 108 19.34 15.90 -30.29
C TRP C 108 20.29 15.56 -29.14
N VAL C 109 21.51 15.12 -29.50
CA VAL C 109 22.52 14.81 -28.50
C VAL C 109 23.35 16.05 -28.20
N ALA C 110 23.43 16.42 -26.93
CA ALA C 110 24.19 17.59 -26.52
C ALA C 110 25.69 17.32 -26.58
N VAL C 111 26.45 18.35 -26.92
CA VAL C 111 27.91 18.28 -26.94
C VAL C 111 28.43 17.96 -25.53
N PRO C 112 29.35 17.00 -25.43
CA PRO C 112 29.97 16.61 -24.15
C PRO C 112 30.43 17.82 -23.32
N GLY C 113 29.87 17.95 -22.13
CA GLY C 113 30.14 19.10 -21.29
C GLY C 113 28.96 20.04 -21.27
N THR C 114 27.90 19.67 -21.98
CA THR C 114 26.69 20.47 -22.06
C THR C 114 25.44 19.63 -21.83
N SER C 115 25.64 18.34 -21.57
CA SER C 115 24.53 17.42 -21.37
C SER C 115 24.10 17.35 -19.92
N GLU C 116 22.79 17.30 -19.70
CA GLU C 116 22.23 17.21 -18.34
C GLU C 116 22.48 15.84 -17.73
N HIS C 117 22.79 14.85 -18.57
CA HIS C 117 23.08 13.51 -18.09
C HIS C 117 24.43 13.45 -17.39
N GLN C 118 25.25 14.47 -17.61
CA GLN C 118 26.55 14.54 -16.94
C GLN C 118 26.42 15.24 -15.59
N LEU C 119 25.19 15.65 -15.27
CA LEU C 119 24.88 16.19 -13.96
C LEU C 119 24.46 15.08 -13.00
N GLY C 120 23.63 14.18 -13.51
CA GLY C 120 23.03 13.15 -12.69
C GLY C 120 21.64 13.57 -12.27
N LEU C 121 21.19 14.71 -12.77
CA LEU C 121 19.88 15.26 -12.43
C LEU C 121 18.85 14.98 -13.53
N ALA C 122 19.29 14.31 -14.59
CA ALA C 122 18.41 14.01 -15.71
C ALA C 122 18.35 12.52 -16.00
N VAL C 123 17.15 12.02 -16.29
CA VAL C 123 16.96 10.63 -16.66
C VAL C 123 16.12 10.51 -17.92
N ASP C 124 16.54 9.64 -18.83
CA ASP C 124 15.75 9.35 -20.01
C ASP C 124 14.86 8.15 -19.70
N ILE C 125 13.56 8.41 -19.64
CA ILE C 125 12.59 7.40 -19.21
C ILE C 125 11.82 6.80 -20.36
N ASN C 126 11.77 5.47 -20.40
CA ASN C 126 11.00 4.75 -21.41
C ASN C 126 10.03 3.77 -20.77
N ALA C 127 9.37 2.96 -21.60
CA ALA C 127 8.42 1.98 -21.11
C ALA C 127 9.08 0.63 -20.90
N ASP C 128 8.49 -0.19 -20.03
CA ASP C 128 8.98 -1.54 -19.80
C ASP C 128 8.64 -2.43 -20.99
N GLY C 129 7.52 -2.14 -21.63
CA GLY C 129 7.11 -2.86 -22.83
C GLY C 129 5.95 -3.82 -22.60
N ILE C 130 6.10 -4.71 -21.64
CA ILE C 130 5.12 -5.76 -21.40
C ILE C 130 3.80 -5.24 -20.86
N HIS C 131 3.85 -4.13 -20.12
CA HIS C 131 2.65 -3.58 -19.50
C HIS C 131 2.21 -2.28 -20.17
N SER C 132 3.16 -1.45 -20.56
CA SER C 132 2.85 -0.17 -21.19
CA SER C 132 2.85 -0.17 -21.19
C SER C 132 3.74 0.11 -22.39
N THR C 133 3.29 1.02 -23.24
CA THR C 133 4.06 1.42 -24.43
C THR C 133 4.69 2.79 -24.20
N GLY C 134 5.36 3.30 -25.22
CA GLY C 134 6.06 4.57 -25.11
C GLY C 134 5.13 5.76 -24.92
N ASN C 135 4.05 5.79 -25.69
CA ASN C 135 3.13 6.92 -25.69
C ASN C 135 2.38 7.10 -24.38
N GLU C 136 1.91 6.00 -23.79
CA GLU C 136 1.14 6.06 -22.56
C GLU C 136 2.03 6.37 -21.36
N VAL C 137 3.31 6.09 -21.48
CA VAL C 137 4.27 6.45 -20.43
C VAL C 137 4.62 7.93 -20.55
N TYR C 138 4.91 8.37 -21.77
CA TYR C 138 5.23 9.76 -22.03
C TYR C 138 4.06 10.68 -21.71
N ARG C 139 2.84 10.17 -21.88
CA ARG C 139 1.64 10.96 -21.61
C ARG C 139 1.46 11.16 -20.11
N TRP C 140 1.64 10.09 -19.33
CA TRP C 140 1.48 10.15 -17.89
C TRP C 140 2.56 11.04 -17.26
N LEU C 141 3.79 10.91 -17.76
CA LEU C 141 4.90 11.70 -17.28
C LEU C 141 4.70 13.19 -17.56
N ASP C 142 4.14 13.48 -18.73
CA ASP C 142 3.89 14.87 -19.13
C ASP C 142 2.90 15.56 -18.19
N GLU C 143 2.04 14.77 -17.56
CA GLU C 143 0.95 15.31 -16.75
C GLU C 143 1.14 15.09 -15.25
N ASN C 144 2.23 14.43 -14.86
CA ASN C 144 2.41 14.08 -13.46
C ASN C 144 3.82 14.24 -12.90
N SER C 145 4.81 14.32 -13.77
CA SER C 145 6.20 14.34 -13.33
C SER C 145 6.54 15.57 -12.48
N TYR C 146 5.88 16.69 -12.76
CA TYR C 146 6.13 17.94 -12.05
C TYR C 146 5.75 17.83 -10.58
N ARG C 147 4.79 16.97 -10.27
CA ARG C 147 4.35 16.76 -8.90
C ARG C 147 5.41 16.04 -8.07
N PHE C 148 6.43 15.53 -8.75
CA PHE C 148 7.50 14.80 -8.08
C PHE C 148 8.86 15.45 -8.32
N GLY C 149 8.86 16.60 -8.98
CA GLY C 149 10.07 17.38 -9.15
C GLY C 149 10.77 17.20 -10.49
N PHE C 150 10.08 16.59 -11.45
CA PHE C 150 10.66 16.36 -12.77
C PHE C 150 9.89 17.11 -13.85
N ILE C 151 10.61 17.79 -14.74
CA ILE C 151 9.96 18.52 -15.83
C ILE C 151 10.28 17.89 -17.18
N ARG C 152 9.33 18.01 -18.11
CA ARG C 152 9.59 17.68 -19.50
C ARG C 152 10.59 18.70 -20.02
N ARG C 153 11.87 18.39 -19.87
CA ARG C 153 12.95 19.34 -20.07
C ARG C 153 12.97 19.98 -21.46
N TYR C 154 12.71 19.16 -22.48
CA TYR C 154 12.80 19.63 -23.86
C TYR C 154 11.48 19.47 -24.60
N PRO C 155 10.60 20.47 -24.47
CA PRO C 155 9.29 20.46 -25.14
C PRO C 155 9.37 21.01 -26.57
N PRO C 156 8.52 20.50 -27.48
CA PRO C 156 8.54 20.93 -28.88
C PRO C 156 8.14 22.39 -29.07
N ASP C 157 7.46 22.94 -28.07
CA ASP C 157 7.00 24.32 -28.14
C ASP C 157 8.14 25.32 -28.06
N LYS C 158 9.21 24.95 -27.37
CA LYS C 158 10.33 25.87 -27.14
C LYS C 158 11.69 25.27 -27.52
N THR C 159 11.78 24.73 -28.72
CA THR C 159 13.06 24.29 -29.26
C THR C 159 13.92 25.51 -29.54
N GLU C 160 13.26 26.61 -29.88
CA GLU C 160 13.91 27.88 -30.15
C GLU C 160 14.77 28.36 -28.98
N ILE C 161 14.30 28.11 -27.76
CA ILE C 161 14.98 28.60 -26.57
C ILE C 161 15.99 27.58 -26.02
N THR C 162 15.55 26.33 -25.93
CA THR C 162 16.40 25.28 -25.37
C THR C 162 17.51 24.87 -26.33
N GLY C 163 17.20 24.86 -27.63
CA GLY C 163 18.15 24.46 -28.64
C GLY C 163 18.15 22.95 -28.84
N VAL C 164 17.22 22.27 -28.17
CA VAL C 164 17.09 20.82 -28.26
C VAL C 164 15.75 20.43 -28.84
N SER C 165 15.75 19.45 -29.75
CA SER C 165 14.52 18.98 -30.38
C SER C 165 13.57 18.32 -29.38
N ASN C 166 12.37 17.97 -29.84
CA ASN C 166 11.37 17.35 -28.98
C ASN C 166 11.82 15.99 -28.47
N GLU C 167 12.00 15.89 -27.16
CA GLU C 167 12.41 14.64 -26.53
C GLU C 167 11.51 14.32 -25.34
N PRO C 168 10.40 13.61 -25.61
CA PRO C 168 9.40 13.25 -24.59
C PRO C 168 9.93 12.31 -23.53
N TRP C 169 11.14 11.80 -23.72
CA TRP C 169 11.74 10.83 -22.80
C TRP C 169 12.66 11.50 -21.79
N HIS C 170 13.14 12.69 -22.11
CA HIS C 170 14.12 13.37 -21.26
C HIS C 170 13.46 14.18 -20.15
N TYR C 171 13.73 13.80 -18.91
CA TYR C 171 13.17 14.50 -17.76
C TYR C 171 14.26 14.93 -16.78
N ARG C 172 14.21 16.20 -16.39
CA ARG C 172 15.19 16.79 -15.51
C ARG C 172 14.60 17.07 -14.14
N TYR C 173 15.35 16.77 -13.09
CA TYR C 173 14.92 17.08 -11.73
C TYR C 173 15.26 18.52 -11.37
N VAL C 174 14.24 19.29 -10.98
CA VAL C 174 14.44 20.66 -10.56
C VAL C 174 13.81 20.92 -9.19
N GLY C 175 13.21 19.88 -8.62
CA GLY C 175 12.53 19.99 -7.35
C GLY C 175 11.04 20.21 -7.54
N ILE C 176 10.26 19.82 -6.54
CA ILE C 176 8.80 19.92 -6.63
C ILE C 176 8.33 21.36 -6.79
N GLU C 177 8.88 22.26 -5.98
CA GLU C 177 8.52 23.67 -6.02
C GLU C 177 8.70 24.27 -7.41
N ALA C 178 9.89 24.07 -7.98
CA ALA C 178 10.21 24.64 -9.28
C ALA C 178 9.41 23.97 -10.40
N ALA C 179 9.34 22.64 -10.36
CA ALA C 179 8.67 21.87 -11.41
C ALA C 179 7.18 22.23 -11.52
N THR C 180 6.54 22.40 -10.36
CA THR C 180 5.12 22.71 -10.33
C THR C 180 4.82 24.07 -10.96
N LYS C 181 5.64 25.06 -10.62
CA LYS C 181 5.47 26.41 -11.17
C LYS C 181 5.79 26.44 -12.66
N ILE C 182 6.79 25.66 -13.05
CA ILE C 182 7.19 25.56 -14.45
C ILE C 182 6.07 24.91 -15.27
N TYR C 183 5.39 23.93 -14.69
CA TYR C 183 4.30 23.24 -15.38
C TYR C 183 3.03 24.08 -15.47
N HIS C 184 2.67 24.74 -14.36
CA HIS C 184 1.46 25.55 -14.31
C HIS C 184 1.55 26.70 -15.31
N GLN C 185 2.73 27.28 -15.44
CA GLN C 185 3.00 28.27 -16.47
C GLN C 185 3.44 27.52 -17.73
N GLY C 186 3.58 28.24 -18.84
CA GLY C 186 3.97 27.59 -20.09
C GLY C 186 5.47 27.40 -20.21
N LEU C 187 6.21 28.03 -19.29
CA LEU C 187 7.66 28.18 -19.39
C LEU C 187 8.45 26.87 -19.50
N CYS C 188 9.71 27.02 -19.89
CA CYS C 188 10.69 25.94 -19.80
C CYS C 188 11.71 26.32 -18.73
N LEU C 189 12.84 25.61 -18.67
CA LEU C 189 13.82 25.87 -17.64
C LEU C 189 14.56 27.20 -17.86
N GLU C 190 14.88 27.50 -19.11
CA GLU C 190 15.60 28.73 -19.44
C GLU C 190 14.76 29.97 -19.16
N GLU C 191 13.46 29.89 -19.43
CA GLU C 191 12.56 31.01 -19.20
C GLU C 191 12.27 31.22 -17.71
N TYR C 192 12.52 30.20 -16.92
CA TYR C 192 12.22 30.25 -15.49
C TYR C 192 13.31 30.95 -14.68
N LEU C 193 14.54 30.90 -15.19
CA LEU C 193 15.69 31.41 -14.43
C LEU C 193 15.94 32.90 -14.63
N ASN C 194 15.43 33.46 -15.72
CA ASN C 194 15.53 34.89 -15.95
C ASN C 194 14.33 35.45 -16.69
N GLU D 17 -24.81 34.03 -5.32
CA GLU D 17 -25.65 32.91 -4.94
C GLU D 17 -25.38 31.70 -5.85
N TRP D 18 -25.29 30.52 -5.26
CA TRP D 18 -24.84 29.32 -5.97
C TRP D 18 -25.86 28.78 -6.97
N SER D 19 -27.15 28.94 -6.69
CA SER D 19 -28.18 28.35 -7.53
C SER D 19 -28.55 29.23 -8.72
N LEU D 20 -28.07 30.47 -8.70
CA LEU D 20 -28.38 31.42 -9.76
C LEU D 20 -27.14 31.86 -10.52
N ILE D 21 -26.11 31.01 -10.53
CA ILE D 21 -24.89 31.32 -11.26
C ILE D 21 -25.14 31.28 -12.77
N LEU D 22 -24.75 32.35 -13.46
CA LEU D 22 -24.98 32.44 -14.90
C LEU D 22 -23.84 31.81 -15.67
N VAL D 23 -24.15 30.74 -16.40
CA VAL D 23 -23.15 30.06 -17.21
C VAL D 23 -23.58 29.96 -18.67
N ASN D 24 -22.87 30.69 -19.51
CA ASN D 24 -23.03 30.59 -20.95
C ASN D 24 -21.67 30.68 -21.63
N ARG D 25 -21.68 31.07 -22.90
CA ARG D 25 -20.46 31.15 -23.70
C ARG D 25 -19.61 32.37 -23.30
N GLN D 26 -20.27 33.47 -23.00
CA GLN D 26 -19.60 34.69 -22.55
C GLN D 26 -19.16 34.56 -21.09
N ASN D 27 -19.96 33.83 -20.32
CA ASN D 27 -19.64 33.56 -18.92
C ASN D 27 -19.47 32.07 -18.67
N PRO D 28 -18.29 31.52 -19.01
CA PRO D 28 -18.04 30.09 -18.81
C PRO D 28 -17.98 29.73 -17.33
N ILE D 29 -17.96 28.44 -17.03
CA ILE D 29 -17.85 27.99 -15.64
C ILE D 29 -16.56 28.50 -15.02
N PRO D 30 -16.57 28.74 -13.71
CA PRO D 30 -15.37 29.19 -12.99
C PRO D 30 -14.18 28.26 -13.17
N ALA D 31 -12.99 28.72 -12.81
CA ALA D 31 -11.74 27.98 -13.00
C ALA D 31 -11.86 26.52 -12.57
N GLN D 32 -12.09 26.31 -11.28
CA GLN D 32 -12.42 24.98 -10.77
C GLN D 32 -13.65 25.07 -9.88
N TYR D 33 -14.83 24.91 -10.49
CA TYR D 33 -16.10 25.12 -9.81
C TYR D 33 -16.30 24.19 -8.62
N ASP D 34 -16.53 24.80 -7.46
CA ASP D 34 -16.83 24.07 -6.23
C ASP D 34 -18.14 23.31 -6.37
N VAL D 35 -18.07 21.99 -6.50
CA VAL D 35 -19.25 21.19 -6.74
C VAL D 35 -19.24 19.87 -5.95
N GLU D 36 -20.38 19.55 -5.35
CA GLU D 36 -20.55 18.29 -4.62
C GLU D 36 -21.71 17.51 -5.23
N LEU D 37 -21.44 16.26 -5.60
CA LEU D 37 -22.39 15.47 -6.38
C LEU D 37 -22.88 14.21 -5.68
N GLU D 38 -24.05 13.75 -6.08
CA GLU D 38 -24.56 12.44 -5.68
C GLU D 38 -25.18 11.75 -6.89
N GLN D 39 -25.28 10.43 -6.85
CA GLN D 39 -25.81 9.66 -7.98
C GLN D 39 -27.29 9.33 -7.80
N LEU D 40 -28.02 9.35 -8.92
CA LEU D 40 -29.44 8.99 -8.91
C LEU D 40 -29.61 7.49 -9.12
N SER D 41 -30.85 7.06 -9.32
CA SER D 41 -31.14 5.63 -9.48
C SER D 41 -30.69 5.09 -10.84
N ASN D 42 -30.59 5.98 -11.81
CA ASN D 42 -30.19 5.57 -13.16
C ASN D 42 -28.70 5.81 -13.43
N GLY D 43 -27.97 6.18 -12.37
CA GLY D 43 -26.53 6.39 -12.48
C GLY D 43 -26.12 7.83 -12.70
N GLU D 44 -27.03 8.63 -13.25
CA GLU D 44 -26.75 10.04 -13.52
C GLU D 44 -26.49 10.81 -12.23
N ARG D 45 -25.69 11.87 -12.33
CA ARG D 45 -25.28 12.62 -11.15
C ARG D 45 -25.79 14.05 -11.16
N ILE D 46 -26.16 14.54 -9.98
CA ILE D 46 -26.63 15.91 -9.81
C ILE D 46 -26.01 16.55 -8.57
N ASP D 47 -26.15 17.86 -8.45
CA ASP D 47 -25.71 18.57 -7.25
C ASP D 47 -26.54 18.08 -6.08
N ILE D 48 -25.89 17.84 -4.94
CA ILE D 48 -26.57 17.32 -3.77
C ILE D 48 -27.56 18.32 -3.17
N ARG D 49 -27.40 19.58 -3.53
CA ARG D 49 -28.22 20.65 -2.98
C ARG D 49 -29.57 20.76 -3.70
N ILE D 50 -29.71 20.07 -4.82
CA ILE D 50 -30.95 20.10 -5.58
C ILE D 50 -31.66 18.74 -5.51
N SER D 51 -31.04 17.79 -4.81
CA SER D 51 -31.56 16.44 -4.68
C SER D 51 -33.00 16.35 -4.13
N PRO D 52 -33.29 17.04 -3.01
CA PRO D 52 -34.66 16.89 -2.50
C PRO D 52 -35.71 17.55 -3.41
N TYR D 53 -35.33 18.64 -4.07
CA TYR D 53 -36.25 19.35 -4.94
C TYR D 53 -36.57 18.56 -6.20
N LEU D 54 -35.55 17.95 -6.78
CA LEU D 54 -35.74 17.13 -7.98
C LEU D 54 -36.60 15.92 -7.68
N GLN D 55 -36.47 15.38 -6.47
CA GLN D 55 -37.25 14.23 -6.05
C GLN D 55 -38.73 14.58 -5.91
N ASP D 56 -39.00 15.73 -5.29
CA ASP D 56 -40.37 16.20 -5.12
C ASP D 56 -41.00 16.53 -6.47
N LEU D 57 -40.18 17.04 -7.39
CA LEU D 57 -40.63 17.37 -8.73
C LEU D 57 -41.14 16.13 -9.48
N PHE D 58 -40.40 15.03 -9.37
CA PHE D 58 -40.77 13.79 -10.04
C PHE D 58 -41.96 13.12 -9.38
N ASP D 59 -42.00 13.19 -8.05
CA ASP D 59 -43.12 12.62 -7.29
C ASP D 59 -44.42 13.35 -7.60
N ALA D 60 -44.33 14.66 -7.75
CA ALA D 60 -45.52 15.48 -8.06
C ALA D 60 -46.03 15.20 -9.47
N ALA D 61 -45.12 14.85 -10.36
CA ALA D 61 -45.50 14.53 -11.74
C ALA D 61 -46.16 13.16 -11.81
N ARG D 62 -45.58 12.19 -11.11
CA ARG D 62 -46.08 10.82 -11.13
C ARG D 62 -47.46 10.70 -10.46
N ALA D 63 -47.76 11.65 -9.59
CA ALA D 63 -49.01 11.61 -8.81
C ALA D 63 -50.21 12.04 -9.64
N ASP D 64 -49.98 12.50 -10.86
CA ASP D 64 -51.07 12.93 -11.72
C ASP D 64 -51.00 12.29 -13.11
N GLY D 65 -50.06 11.37 -13.28
CA GLY D 65 -49.97 10.60 -14.51
C GLY D 65 -48.86 11.02 -15.46
N VAL D 66 -47.81 11.63 -14.91
CA VAL D 66 -46.65 12.02 -15.70
C VAL D 66 -45.40 11.34 -15.15
N TYR D 67 -44.75 10.53 -15.99
CA TYR D 67 -43.61 9.75 -15.54
C TYR D 67 -42.32 10.15 -16.26
N PRO D 68 -41.57 11.09 -15.67
CA PRO D 68 -40.31 11.57 -16.26
C PRO D 68 -39.08 10.87 -15.68
N ILE D 69 -37.96 10.96 -16.39
CA ILE D 69 -36.69 10.44 -15.90
C ILE D 69 -35.55 11.40 -16.27
N VAL D 70 -34.40 11.22 -15.64
CA VAL D 70 -33.23 12.03 -15.97
C VAL D 70 -32.35 11.34 -17.00
N ALA D 71 -32.29 11.90 -18.20
CA ALA D 71 -31.47 11.34 -19.27
C ALA D 71 -30.01 11.71 -19.10
N SER D 72 -29.76 12.91 -18.59
CA SER D 72 -28.40 13.39 -18.38
C SER D 72 -28.33 14.41 -17.25
N GLY D 73 -27.34 14.25 -16.37
CA GLY D 73 -27.14 15.18 -15.28
C GLY D 73 -25.80 15.89 -15.39
N TYR D 74 -24.86 15.53 -14.54
CA TYR D 74 -23.52 16.11 -14.57
C TYR D 74 -22.74 15.59 -15.77
N ARG D 75 -22.03 16.49 -16.45
CA ARG D 75 -21.20 16.11 -17.59
C ARG D 75 -19.79 16.67 -17.43
N THR D 76 -18.79 15.82 -17.64
CA THR D 76 -17.41 16.25 -17.63
C THR D 76 -17.08 17.02 -18.90
N THR D 77 -15.91 17.64 -18.94
CA THR D 77 -15.47 18.37 -20.13
C THR D 77 -15.34 17.40 -21.29
N GLU D 78 -14.86 16.19 -21.00
CA GLU D 78 -14.80 15.12 -21.99
C GLU D 78 -16.20 14.76 -22.48
N LYS D 79 -17.15 14.68 -21.56
CA LYS D 79 -18.51 14.30 -21.88
C LYS D 79 -19.20 15.32 -22.78
N GLN D 80 -18.94 16.60 -22.54
CA GLN D 80 -19.51 17.66 -23.36
C GLN D 80 -18.89 17.67 -24.76
N GLN D 81 -17.67 17.16 -24.86
CA GLN D 81 -16.96 17.13 -26.13
C GLN D 81 -17.50 16.05 -27.05
N GLU D 82 -17.80 14.87 -26.49
CA GLU D 82 -18.29 13.76 -27.30
C GLU D 82 -19.71 14.01 -27.78
N ILE D 83 -20.47 14.77 -27.00
CA ILE D 83 -21.82 15.16 -27.41
C ILE D 83 -21.74 16.21 -28.51
N MET D 84 -20.77 17.11 -28.38
CA MET D 84 -20.51 18.11 -29.41
C MET D 84 -20.11 17.44 -30.71
N ASP D 85 -19.16 16.50 -30.63
CA ASP D 85 -18.69 15.77 -31.79
C ASP D 85 -19.81 14.94 -32.42
N GLU D 86 -20.74 14.48 -31.57
CA GLU D 86 -21.87 13.69 -32.05
C GLU D 86 -22.82 14.54 -32.88
N LYS D 87 -23.14 15.73 -32.39
CA LYS D 87 -24.03 16.65 -33.09
C LYS D 87 -23.40 17.15 -34.39
N VAL D 88 -22.09 17.39 -34.34
CA VAL D 88 -21.34 17.79 -35.54
C VAL D 88 -21.45 16.72 -36.61
N ALA D 89 -21.30 15.46 -36.21
CA ALA D 89 -21.39 14.34 -37.14
C ALA D 89 -22.80 14.20 -37.71
N GLU D 90 -23.81 14.55 -36.90
CA GLU D 90 -25.19 14.49 -37.34
C GLU D 90 -25.46 15.49 -38.47
N TYR D 91 -24.88 16.68 -38.36
CA TYR D 91 -25.01 17.69 -39.40
C TYR D 91 -24.17 17.32 -40.62
N LYS D 92 -23.00 16.73 -40.36
CA LYS D 92 -22.08 16.34 -41.43
C LYS D 92 -22.72 15.31 -42.35
N ALA D 93 -23.45 14.37 -41.77
CA ALA D 93 -24.14 13.34 -42.54
C ALA D 93 -25.48 13.85 -43.05
N LYS D 94 -25.80 15.09 -42.72
CA LYS D 94 -27.05 15.71 -43.15
C LYS D 94 -26.83 16.51 -44.44
N GLY D 95 -25.56 16.69 -44.80
CA GLY D 95 -25.22 17.42 -46.01
C GLY D 95 -24.41 18.69 -45.73
N TYR D 96 -24.30 19.04 -44.46
CA TYR D 96 -23.59 20.25 -44.05
C TYR D 96 -22.09 20.14 -44.33
N THR D 97 -21.45 21.28 -44.57
CA THR D 97 -20.00 21.32 -44.67
C THR D 97 -19.41 21.28 -43.26
N SER D 98 -18.10 21.08 -43.18
CA SER D 98 -17.44 20.97 -41.88
C SER D 98 -17.56 22.27 -41.08
N ALA D 99 -17.40 23.40 -41.76
CA ALA D 99 -17.45 24.70 -41.12
C ALA D 99 -18.85 25.02 -40.60
N GLN D 100 -19.86 24.68 -41.39
CA GLN D 100 -21.23 24.97 -41.03
C GLN D 100 -21.78 23.96 -40.02
N ALA D 101 -21.24 22.76 -40.04
CA ALA D 101 -21.64 21.73 -39.07
C ALA D 101 -21.24 22.14 -37.67
N LYS D 102 -20.09 22.79 -37.55
CA LYS D 102 -19.61 23.29 -36.27
C LYS D 102 -20.50 24.41 -35.75
N ALA D 103 -20.83 25.35 -36.63
CA ALA D 103 -21.65 26.50 -36.27
C ALA D 103 -23.07 26.08 -35.89
N ALA D 104 -23.60 25.10 -36.62
CA ALA D 104 -24.94 24.58 -36.35
C ALA D 104 -24.98 23.83 -35.03
N ALA D 105 -23.92 23.06 -34.77
CA ALA D 105 -23.84 22.25 -33.55
C ALA D 105 -23.75 23.13 -32.30
N GLU D 106 -23.19 24.34 -32.48
CA GLU D 106 -23.02 25.26 -31.36
C GLU D 106 -24.27 26.08 -31.08
N THR D 107 -25.44 25.49 -31.32
CA THR D 107 -26.71 26.12 -31.01
C THR D 107 -27.53 25.19 -30.12
N TRP D 108 -27.20 23.91 -30.16
CA TRP D 108 -27.84 22.92 -29.31
C TRP D 108 -26.89 22.49 -28.20
N VAL D 109 -25.70 22.05 -28.59
CA VAL D 109 -24.65 21.68 -27.64
C VAL D 109 -23.72 22.86 -27.38
N ALA D 110 -23.43 23.13 -26.11
CA ALA D 110 -22.56 24.26 -25.71
C ALA D 110 -21.09 23.83 -25.73
N VAL D 111 -20.16 24.72 -26.05
CA VAL D 111 -18.76 24.32 -25.98
C VAL D 111 -18.40 23.94 -24.54
N PRO D 112 -17.59 22.88 -24.40
CA PRO D 112 -17.04 22.38 -23.14
C PRO D 112 -16.52 23.52 -22.27
N GLY D 113 -17.17 23.75 -21.13
CA GLY D 113 -16.80 24.83 -20.24
C GLY D 113 -17.88 25.90 -20.17
N THR D 114 -18.87 25.80 -21.04
CA THR D 114 -19.96 26.78 -21.10
C THR D 114 -21.32 26.09 -20.97
N SER D 115 -21.32 24.86 -20.50
CA SER D 115 -22.55 24.09 -20.35
C SER D 115 -22.98 24.06 -18.88
N GLU D 116 -24.29 24.15 -18.66
CA GLU D 116 -24.84 24.09 -17.31
C GLU D 116 -24.73 22.70 -16.72
N HIS D 117 -24.57 21.70 -17.58
CA HIS D 117 -24.43 20.32 -17.13
C HIS D 117 -23.13 20.10 -16.39
N GLN D 118 -22.18 21.01 -16.56
CA GLN D 118 -20.90 20.93 -15.87
C GLN D 118 -20.99 21.58 -14.49
N LEU D 119 -22.17 22.11 -14.17
CA LEU D 119 -22.43 22.66 -12.84
C LEU D 119 -23.03 21.59 -11.94
N GLY D 120 -23.99 20.84 -12.48
CA GLY D 120 -24.72 19.86 -11.69
C GLY D 120 -26.08 20.39 -11.31
N LEU D 121 -26.40 21.59 -11.79
CA LEU D 121 -27.66 22.25 -11.46
C LEU D 121 -28.65 22.13 -12.62
N ALA D 122 -28.27 21.39 -13.65
CA ALA D 122 -29.11 21.24 -14.83
C ALA D 122 -29.32 19.77 -15.17
N VAL D 123 -30.56 19.42 -15.50
CA VAL D 123 -30.89 18.06 -15.92
C VAL D 123 -31.68 18.06 -17.23
N ASP D 124 -31.38 17.10 -18.09
CA ASP D 124 -32.16 16.93 -19.32
C ASP D 124 -33.19 15.83 -19.09
N ILE D 125 -34.44 16.25 -18.94
CA ILE D 125 -35.51 15.35 -18.52
C ILE D 125 -36.28 14.77 -19.71
N ASN D 126 -36.35 13.45 -19.76
CA ASN D 126 -37.14 12.75 -20.78
C ASN D 126 -38.23 11.90 -20.15
N ALA D 127 -39.11 11.37 -20.99
CA ALA D 127 -40.19 10.52 -20.52
C ALA D 127 -39.71 9.09 -20.33
N ASP D 128 -40.40 8.34 -19.48
CA ASP D 128 -40.06 6.95 -19.22
C ASP D 128 -40.31 6.08 -20.44
N GLY D 129 -41.23 6.51 -21.30
CA GLY D 129 -41.55 5.79 -22.51
C GLY D 129 -42.51 4.64 -22.28
N ILE D 130 -42.98 4.49 -21.05
CA ILE D 130 -43.89 3.41 -20.69
C ILE D 130 -45.27 3.95 -20.34
N HIS D 131 -45.33 4.76 -19.29
CA HIS D 131 -46.60 5.35 -18.85
C HIS D 131 -46.93 6.60 -19.69
N SER D 132 -45.96 7.49 -19.81
CA SER D 132 -46.12 8.70 -20.60
C SER D 132 -45.05 8.78 -21.69
N THR D 133 -45.32 9.56 -22.73
CA THR D 133 -44.33 9.76 -23.78
C THR D 133 -43.78 11.19 -23.73
N GLY D 134 -42.80 11.46 -24.58
CA GLY D 134 -42.05 12.71 -24.55
C GLY D 134 -42.88 13.99 -24.54
N ASN D 135 -43.98 14.00 -25.28
CA ASN D 135 -44.81 15.19 -25.38
C ASN D 135 -45.49 15.56 -24.07
N GLU D 136 -45.93 14.55 -23.33
CA GLU D 136 -46.73 14.77 -22.13
C GLU D 136 -45.91 15.28 -20.94
N VAL D 137 -44.66 14.85 -20.86
CA VAL D 137 -43.80 15.27 -19.75
C VAL D 137 -43.24 16.68 -19.97
N TYR D 138 -43.45 17.22 -21.17
CA TYR D 138 -42.95 18.55 -21.49
C TYR D 138 -44.00 19.62 -21.17
N ARG D 139 -45.28 19.28 -21.28
CA ARG D 139 -46.34 20.21 -20.91
C ARG D 139 -46.34 20.44 -19.41
N TRP D 140 -46.31 19.34 -18.65
CA TRP D 140 -46.41 19.38 -17.21
C TRP D 140 -45.25 20.15 -16.58
N LEU D 141 -44.03 19.83 -17.01
CA LEU D 141 -42.84 20.48 -16.46
C LEU D 141 -42.86 21.99 -16.69
N ASP D 142 -43.19 22.40 -17.90
CA ASP D 142 -43.22 23.83 -18.23
C ASP D 142 -44.30 24.56 -17.43
N GLU D 143 -45.22 23.80 -16.85
CA GLU D 143 -46.32 24.40 -16.09
C GLU D 143 -46.15 24.18 -14.57
N ASN D 144 -45.25 23.28 -14.18
CA ASN D 144 -45.13 22.91 -12.78
C ASN D 144 -43.72 22.94 -12.18
N SER D 145 -42.69 22.96 -13.03
CA SER D 145 -41.32 22.84 -12.55
C SER D 145 -40.88 24.03 -11.68
N TYR D 146 -41.43 25.21 -11.96
CA TYR D 146 -41.02 26.41 -11.24
C TYR D 146 -41.42 26.35 -9.77
N ARG D 147 -42.40 25.53 -9.46
CA ARG D 147 -42.85 25.33 -8.08
C ARG D 147 -41.82 24.56 -7.27
N PHE D 148 -40.86 23.95 -7.97
CA PHE D 148 -39.87 23.10 -7.32
C PHE D 148 -38.45 23.58 -7.58
N GLY D 149 -38.33 24.77 -8.18
CA GLY D 149 -37.04 25.41 -8.35
C GLY D 149 -36.42 25.25 -9.72
N PHE D 150 -37.11 24.55 -10.62
CA PHE D 150 -36.58 24.30 -11.95
C PHE D 150 -37.26 25.17 -13.01
N ILE D 151 -36.47 25.70 -13.93
CA ILE D 151 -36.99 26.52 -15.02
C ILE D 151 -36.60 25.94 -16.37
N ARG D 152 -37.41 26.24 -17.39
CA ARG D 152 -37.03 25.92 -18.76
C ARG D 152 -35.95 26.90 -19.19
N ARG D 153 -34.70 26.48 -19.04
CA ARG D 153 -33.54 27.34 -19.23
C ARG D 153 -33.47 27.95 -20.63
N TYR D 154 -33.95 27.20 -21.62
CA TYR D 154 -33.84 27.63 -23.01
C TYR D 154 -35.18 27.66 -23.73
N PRO D 155 -35.95 28.74 -23.56
CA PRO D 155 -37.24 28.93 -24.24
C PRO D 155 -37.06 29.29 -25.72
N PRO D 156 -38.09 29.04 -26.55
CA PRO D 156 -38.04 29.40 -27.97
C PRO D 156 -38.05 30.91 -28.18
N ASP D 157 -38.63 31.63 -27.23
CA ASP D 157 -38.75 33.08 -27.32
C ASP D 157 -37.45 33.78 -26.93
N LYS D 158 -36.55 33.04 -26.28
CA LYS D 158 -35.32 33.62 -25.77
C LYS D 158 -34.08 33.05 -26.47
N THR D 159 -34.24 32.61 -27.71
CA THR D 159 -33.13 32.02 -28.46
C THR D 159 -32.08 33.07 -28.80
N GLU D 160 -32.50 34.33 -28.92
CA GLU D 160 -31.60 35.42 -29.23
C GLU D 160 -30.75 35.78 -28.00
N ILE D 161 -31.39 35.79 -26.84
CA ILE D 161 -30.72 36.16 -25.60
C ILE D 161 -29.84 35.03 -25.07
N THR D 162 -30.40 33.83 -24.98
CA THR D 162 -29.66 32.68 -24.47
C THR D 162 -28.64 32.15 -25.46
N GLY D 163 -28.93 32.28 -26.75
CA GLY D 163 -28.04 31.78 -27.79
C GLY D 163 -28.16 30.28 -27.94
N VAL D 164 -29.24 29.71 -27.40
CA VAL D 164 -29.46 28.28 -27.45
C VAL D 164 -30.83 27.99 -28.06
N SER D 165 -30.90 26.98 -28.92
CA SER D 165 -32.15 26.59 -29.57
C SER D 165 -33.17 26.05 -28.56
N ASN D 166 -34.38 25.79 -29.04
CA ASN D 166 -35.45 25.30 -28.19
C ASN D 166 -35.20 23.89 -27.67
N GLU D 167 -35.00 23.78 -26.37
CA GLU D 167 -34.78 22.48 -25.73
C GLU D 167 -35.73 22.28 -24.55
N PRO D 168 -36.93 21.75 -24.84
CA PRO D 168 -37.98 21.53 -23.83
C PRO D 168 -37.59 20.50 -22.76
N TRP D 169 -36.48 19.80 -22.98
CA TRP D 169 -36.03 18.77 -22.06
C TRP D 169 -35.05 19.32 -21.01
N HIS D 170 -34.44 20.47 -21.32
CA HIS D 170 -33.42 21.04 -20.45
C HIS D 170 -34.01 21.90 -19.35
N TYR D 171 -33.75 21.52 -18.10
CA TYR D 171 -34.24 22.27 -16.95
C TYR D 171 -33.14 22.59 -15.96
N ARG D 172 -33.14 23.83 -15.50
CA ARG D 172 -32.14 24.33 -14.60
C ARG D 172 -32.70 24.67 -13.25
N TYR D 173 -31.98 24.31 -12.20
CA TYR D 173 -32.41 24.66 -10.86
C TYR D 173 -31.90 26.04 -10.45
N VAL D 174 -32.83 26.92 -10.08
CA VAL D 174 -32.48 28.27 -9.66
C VAL D 174 -33.07 28.59 -8.29
N GLY D 175 -33.80 27.64 -7.73
CA GLY D 175 -34.48 27.84 -6.47
C GLY D 175 -35.96 28.14 -6.70
N ILE D 176 -36.78 27.84 -5.70
CA ILE D 176 -38.22 28.00 -5.82
C ILE D 176 -38.64 29.45 -6.10
N GLU D 177 -38.13 30.38 -5.30
CA GLU D 177 -38.49 31.78 -5.44
C GLU D 177 -38.04 32.38 -6.76
N ALA D 178 -36.81 32.10 -7.15
CA ALA D 178 -36.27 32.57 -8.41
C ALA D 178 -37.09 32.03 -9.58
N ALA D 179 -37.42 30.75 -9.51
CA ALA D 179 -38.17 30.08 -10.56
C ALA D 179 -39.58 30.66 -10.72
N THR D 180 -40.25 30.89 -9.60
CA THR D 180 -41.62 31.39 -9.60
C THR D 180 -41.71 32.80 -10.21
N LYS D 181 -40.74 33.65 -9.88
CA LYS D 181 -40.72 35.01 -10.42
C LYS D 181 -40.28 35.02 -11.87
N ILE D 182 -39.36 34.13 -12.23
CA ILE D 182 -38.90 33.99 -13.60
C ILE D 182 -40.05 33.50 -14.49
N TYR D 183 -40.80 32.53 -13.98
CA TYR D 183 -41.94 31.97 -14.70
C TYR D 183 -43.06 32.99 -14.90
N HIS D 184 -43.44 33.68 -13.82
CA HIS D 184 -44.58 34.59 -13.85
C HIS D 184 -44.32 35.87 -14.65
N GLN D 185 -43.05 36.13 -14.98
CA GLN D 185 -42.71 37.33 -15.73
C GLN D 185 -42.45 37.06 -17.21
N GLY D 186 -42.61 35.80 -17.61
CA GLY D 186 -42.34 35.39 -18.98
C GLY D 186 -40.93 35.76 -19.36
N LEU D 187 -39.98 35.27 -18.58
CA LEU D 187 -38.61 35.78 -18.62
C LEU D 187 -37.59 34.64 -18.49
N CYS D 188 -36.36 34.87 -18.93
CA CYS D 188 -35.32 33.86 -18.85
C CYS D 188 -34.26 34.23 -17.82
N LEU D 189 -33.34 33.30 -17.56
CA LEU D 189 -32.33 33.47 -16.52
C LEU D 189 -31.38 34.63 -16.80
N GLU D 190 -31.01 34.81 -18.06
CA GLU D 190 -30.07 35.85 -18.44
C GLU D 190 -30.72 37.23 -18.41
N GLU D 191 -32.04 37.24 -18.55
CA GLU D 191 -32.80 38.48 -18.46
C GLU D 191 -33.13 38.76 -17.00
N TYR D 192 -32.83 37.80 -16.13
CA TYR D 192 -33.16 37.89 -14.72
C TYR D 192 -32.00 38.40 -13.86
N LEU D 193 -30.77 38.25 -14.36
CA LEU D 193 -29.60 38.55 -13.56
C LEU D 193 -28.98 39.91 -13.90
N ASN D 194 -29.61 40.63 -14.83
CA ASN D 194 -29.15 41.97 -15.19
C ASN D 194 -29.48 42.97 -14.08
N THR D 195 -30.22 42.52 -13.08
CA THR D 195 -30.59 43.35 -11.94
C THR D 195 -29.37 43.94 -11.24
N GLN E 16 46.74 -16.69 15.75
CA GLN E 16 47.58 -17.71 16.35
C GLN E 16 46.78 -18.98 16.64
N GLU E 17 45.52 -18.81 17.00
CA GLU E 17 44.61 -19.94 17.20
C GLU E 17 43.54 -19.94 16.13
N TRP E 18 43.21 -21.13 15.62
CA TRP E 18 42.32 -21.28 14.49
C TRP E 18 40.89 -20.80 14.76
N SER E 19 40.41 -21.01 15.98
CA SER E 19 39.02 -20.73 16.31
C SER E 19 38.80 -19.28 16.76
N LEU E 20 39.87 -18.49 16.78
CA LEU E 20 39.78 -17.11 17.22
C LEU E 20 39.99 -16.13 16.07
N ILE E 21 40.06 -16.64 14.85
CA ILE E 21 40.31 -15.81 13.68
C ILE E 21 39.15 -14.84 13.44
N LEU E 22 39.49 -13.56 13.34
CA LEU E 22 38.48 -12.51 13.18
C LEU E 22 38.05 -12.33 11.73
N VAL E 23 36.83 -12.73 11.43
CA VAL E 23 36.26 -12.50 10.11
C VAL E 23 35.50 -11.18 10.11
N ASN E 24 36.03 -10.21 9.38
CA ASN E 24 35.52 -8.85 9.45
C ASN E 24 35.02 -8.31 8.10
N ARG E 25 34.20 -7.27 8.17
CA ARG E 25 33.66 -6.59 6.99
C ARG E 25 34.75 -6.19 5.99
N GLN E 26 35.91 -5.77 6.51
CA GLN E 26 37.03 -5.42 5.66
C GLN E 26 38.08 -6.52 5.65
N ASN E 27 37.74 -7.65 6.25
CA ASN E 27 38.63 -8.81 6.28
C ASN E 27 37.92 -10.09 5.86
N PRO E 28 37.81 -10.33 4.55
CA PRO E 28 37.10 -11.49 4.00
C PRO E 28 37.77 -12.82 4.36
N ILE E 29 37.11 -13.92 4.03
CA ILE E 29 37.67 -15.25 4.21
C ILE E 29 38.92 -15.43 3.37
N PRO E 30 40.03 -15.83 4.01
CA PRO E 30 41.29 -16.12 3.29
C PRO E 30 41.10 -17.14 2.19
N ALA E 31 41.91 -17.06 1.14
CA ALA E 31 41.80 -17.96 0.01
C ALA E 31 42.36 -19.34 0.31
N GLN E 32 43.03 -19.47 1.45
CA GLN E 32 43.65 -20.72 1.85
C GLN E 32 42.68 -21.62 2.61
N TYR E 33 41.52 -21.06 2.95
CA TYR E 33 40.49 -21.77 3.70
C TYR E 33 39.74 -22.86 3.00
N ASP E 34 39.89 -24.08 3.48
CA ASP E 34 39.19 -25.21 2.92
C ASP E 34 38.79 -25.87 4.16
N VAL E 35 37.50 -25.94 4.38
CA VAL E 35 37.02 -26.51 5.61
C VAL E 35 36.35 -27.81 5.27
N GLU E 36 36.63 -28.80 6.06
CA GLU E 36 36.04 -30.12 5.92
C GLU E 36 34.67 -30.09 6.55
N LEU E 37 33.63 -30.10 5.72
CA LEU E 37 32.26 -29.95 6.20
C LEU E 37 31.55 -31.28 6.38
N GLU E 38 30.72 -31.37 7.42
CA GLU E 38 29.81 -32.50 7.57
C GLU E 38 28.38 -31.99 7.51
N GLN E 39 27.47 -32.85 7.17
CA GLN E 39 26.11 -32.46 7.03
C GLN E 39 25.21 -32.84 8.16
N LEU E 40 24.40 -31.91 8.57
CA LEU E 40 23.42 -32.20 9.62
C LEU E 40 22.19 -32.85 9.01
N SER E 41 21.28 -33.31 9.86
CA SER E 41 20.10 -34.04 9.40
C SER E 41 19.16 -33.17 8.57
N ASN E 42 19.18 -31.86 8.80
CA ASN E 42 18.29 -30.95 8.09
C ASN E 42 18.91 -30.41 6.80
N GLY E 43 20.17 -30.77 6.56
CA GLY E 43 20.84 -30.35 5.35
C GLY E 43 21.89 -29.28 5.58
N GLU E 44 21.78 -28.56 6.70
CA GLU E 44 22.76 -27.53 7.03
C GLU E 44 24.12 -28.16 7.29
N ARG E 45 25.18 -27.40 7.01
CA ARG E 45 26.53 -27.92 7.14
C ARG E 45 27.37 -27.11 8.13
N ILE E 46 28.29 -27.78 8.80
CA ILE E 46 29.19 -27.14 9.75
C ILE E 46 30.60 -27.68 9.59
N ASP E 47 31.58 -26.97 10.15
CA ASP E 47 32.93 -27.47 10.24
C ASP E 47 32.92 -28.69 11.14
N ILE E 48 33.61 -29.75 10.75
CA ILE E 48 33.62 -30.99 11.52
C ILE E 48 34.25 -30.78 12.90
N ARG E 49 35.05 -29.73 13.02
CA ARG E 49 35.77 -29.45 14.26
C ARG E 49 34.86 -28.90 15.36
N ILE E 50 33.61 -28.59 15.02
CA ILE E 50 32.66 -28.09 16.01
C ILE E 50 31.47 -29.04 16.16
N SER E 51 31.52 -30.15 15.43
CA SER E 51 30.41 -31.11 15.42
C SER E 51 30.08 -31.71 16.79
N PRO E 52 31.09 -32.23 17.52
CA PRO E 52 30.70 -32.81 18.81
C PRO E 52 30.35 -31.75 19.86
N TYR E 53 30.78 -30.51 19.63
CA TYR E 53 30.50 -29.43 20.55
C TYR E 53 29.08 -28.90 20.37
N LEU E 54 28.65 -28.85 19.11
CA LEU E 54 27.28 -28.43 18.79
C LEU E 54 26.29 -29.47 19.26
N GLN E 55 26.65 -30.74 19.13
CA GLN E 55 25.78 -31.85 19.52
C GLN E 55 25.52 -31.85 21.02
N ASP E 56 26.57 -31.63 21.81
CA ASP E 56 26.44 -31.58 23.27
C ASP E 56 25.66 -30.35 23.72
N LEU E 57 25.78 -29.27 22.95
CA LEU E 57 25.03 -28.05 23.23
C LEU E 57 23.53 -28.30 23.11
N PHE E 58 23.16 -29.06 22.08
CA PHE E 58 21.75 -29.35 21.83
C PHE E 58 21.21 -30.43 22.75
N ASP E 59 22.05 -31.41 23.08
CA ASP E 59 21.66 -32.47 24.01
C ASP E 59 21.43 -31.90 25.41
N ALA E 60 22.28 -30.95 25.81
CA ALA E 60 22.16 -30.34 27.12
C ALA E 60 20.92 -29.46 27.21
N ALA E 61 20.60 -28.78 26.11
CA ALA E 61 19.41 -27.92 26.07
C ALA E 61 18.14 -28.74 26.17
N ARG E 62 18.08 -29.84 25.43
CA ARG E 62 16.90 -30.72 25.43
C ARG E 62 16.71 -31.39 26.78
N ALA E 63 17.80 -31.49 27.54
CA ALA E 63 17.73 -32.04 28.90
C ALA E 63 17.13 -31.02 29.85
N ASP E 64 17.03 -29.77 29.41
CA ASP E 64 16.43 -28.72 30.20
C ASP E 64 15.07 -28.30 29.62
N GLY E 65 14.59 -29.05 28.64
CA GLY E 65 13.30 -28.78 28.03
C GLY E 65 13.38 -27.76 26.90
N VAL E 66 14.60 -27.41 26.51
CA VAL E 66 14.80 -26.44 25.43
C VAL E 66 15.20 -27.16 24.14
N TYR E 67 14.40 -27.00 23.10
CA TYR E 67 14.62 -27.72 21.84
C TYR E 67 15.00 -26.78 20.71
N PRO E 68 16.31 -26.65 20.44
CA PRO E 68 16.83 -25.78 19.39
C PRO E 68 17.08 -26.51 18.07
N ILE E 69 17.14 -25.75 16.98
CA ILE E 69 17.51 -26.29 15.68
C ILE E 69 18.50 -25.36 14.98
N VAL E 70 19.27 -25.90 14.04
CA VAL E 70 20.20 -25.09 13.26
C VAL E 70 19.49 -24.53 12.04
N ALA E 71 19.18 -23.24 12.07
CA ALA E 71 18.49 -22.59 10.97
C ALA E 71 19.43 -22.39 9.78
N SER E 72 20.68 -22.07 10.08
CA SER E 72 21.68 -21.84 9.04
CA SER E 72 21.67 -21.86 9.04
C SER E 72 23.10 -22.06 9.57
N GLY E 73 23.86 -22.89 8.87
CA GLY E 73 25.24 -23.16 9.25
C GLY E 73 26.20 -22.55 8.25
N TYR E 74 26.83 -23.41 7.44
CA TYR E 74 27.73 -22.93 6.40
C TYR E 74 26.96 -22.26 5.28
N ARG E 75 27.51 -21.18 4.75
CA ARG E 75 26.93 -20.49 3.60
C ARG E 75 28.00 -20.23 2.54
N THR E 76 27.58 -20.14 1.29
CA THR E 76 28.49 -19.74 0.23
C THR E 76 28.50 -18.22 0.10
N THR E 77 29.47 -17.69 -0.63
CA THR E 77 29.54 -16.25 -0.85
C THR E 77 28.31 -15.77 -1.61
N GLU E 78 27.90 -16.54 -2.61
CA GLU E 78 26.69 -16.22 -3.37
C GLU E 78 25.45 -16.22 -2.48
N LYS E 79 25.39 -17.19 -1.59
CA LYS E 79 24.28 -17.29 -0.63
C LYS E 79 24.20 -16.04 0.24
N GLN E 80 25.36 -15.62 0.76
CA GLN E 80 25.44 -14.41 1.56
C GLN E 80 25.08 -13.16 0.75
N GLN E 81 25.42 -13.17 -0.54
CA GLN E 81 25.10 -12.05 -1.40
C GLN E 81 23.58 -11.94 -1.61
N GLU E 82 22.93 -13.10 -1.70
CA GLU E 82 21.47 -13.13 -1.84
C GLU E 82 20.79 -12.67 -0.55
N ILE E 83 21.41 -12.98 0.59
CA ILE E 83 20.88 -12.56 1.88
C ILE E 83 21.03 -11.05 2.05
N MET E 84 22.18 -10.54 1.62
CA MET E 84 22.44 -9.11 1.68
C MET E 84 21.51 -8.32 0.75
N ASP E 85 21.38 -8.79 -0.48
CA ASP E 85 20.56 -8.10 -1.49
C ASP E 85 19.10 -7.98 -1.08
N GLU E 86 18.55 -9.06 -0.52
CA GLU E 86 17.15 -9.07 -0.12
C GLU E 86 16.91 -8.13 1.07
N LYS E 87 17.88 -8.07 1.97
CA LYS E 87 17.79 -7.19 3.13
C LYS E 87 17.85 -5.72 2.71
N VAL E 88 18.77 -5.42 1.78
CA VAL E 88 18.87 -4.09 1.21
C VAL E 88 17.57 -3.72 0.51
N ALA E 89 16.99 -4.69 -0.19
CA ALA E 89 15.73 -4.50 -0.90
C ALA E 89 14.58 -4.20 0.07
N GLU E 90 14.66 -4.78 1.27
CA GLU E 90 13.64 -4.53 2.29
C GLU E 90 13.64 -3.08 2.71
N TYR E 91 14.81 -2.55 3.01
CA TYR E 91 14.95 -1.16 3.43
C TYR E 91 14.57 -0.20 2.30
N LYS E 92 14.97 -0.53 1.07
CA LYS E 92 14.62 0.28 -0.09
C LYS E 92 13.12 0.34 -0.31
N ALA E 93 12.44 -0.78 -0.02
CA ALA E 93 11.00 -0.85 -0.14
C ALA E 93 10.32 -0.09 0.99
N LYS E 94 11.09 0.28 2.00
CA LYS E 94 10.57 1.03 3.14
C LYS E 94 10.96 2.50 3.07
N GLY E 95 11.27 2.97 1.86
CA GLY E 95 11.51 4.39 1.63
C GLY E 95 12.94 4.84 1.78
N TYR E 96 13.83 3.90 2.11
CA TYR E 96 15.24 4.24 2.30
C TYR E 96 15.99 4.28 0.96
N THR E 97 16.95 5.19 0.86
CA THR E 97 17.79 5.27 -0.33
C THR E 97 18.77 4.10 -0.35
N SER E 98 19.44 3.92 -1.48
CA SER E 98 20.41 2.84 -1.63
C SER E 98 21.49 2.90 -0.56
N ALA E 99 22.05 4.10 -0.35
CA ALA E 99 23.09 4.28 0.65
C ALA E 99 22.55 4.04 2.07
N GLN E 100 21.34 4.51 2.33
CA GLN E 100 20.70 4.31 3.62
C GLN E 100 20.33 2.85 3.84
N ALA E 101 19.91 2.19 2.77
CA ALA E 101 19.50 0.78 2.84
C ALA E 101 20.69 -0.12 3.12
N LYS E 102 21.80 0.11 2.41
CA LYS E 102 22.99 -0.70 2.58
C LYS E 102 23.61 -0.48 3.97
N ALA E 103 23.53 0.75 4.46
CA ALA E 103 24.07 1.08 5.77
C ALA E 103 23.34 0.32 6.89
N ALA E 104 22.02 0.25 6.77
CA ALA E 104 21.21 -0.43 7.78
C ALA E 104 21.30 -1.95 7.63
N ALA E 105 21.53 -2.40 6.40
CA ALA E 105 21.63 -3.83 6.11
C ALA E 105 22.94 -4.40 6.67
N GLU E 106 24.00 -3.60 6.64
CA GLU E 106 25.30 -4.05 7.11
C GLU E 106 25.37 -4.13 8.63
N THR E 107 24.32 -3.66 9.30
CA THR E 107 24.24 -3.78 10.75
C THR E 107 23.53 -5.07 11.12
N TRP E 108 23.07 -5.79 10.10
CA TRP E 108 22.41 -7.08 10.30
C TRP E 108 23.11 -8.18 9.50
N VAL E 109 23.30 -7.94 8.21
CA VAL E 109 23.92 -8.93 7.34
C VAL E 109 25.40 -8.63 7.13
N ALA E 110 26.24 -9.65 7.32
CA ALA E 110 27.66 -9.51 7.04
C ALA E 110 27.89 -9.37 5.55
N VAL E 111 28.87 -8.55 5.18
CA VAL E 111 29.23 -8.35 3.78
C VAL E 111 29.65 -9.67 3.14
N PRO E 112 29.07 -9.99 1.98
CA PRO E 112 29.34 -11.22 1.23
C PRO E 112 30.83 -11.51 1.07
N GLY E 113 31.27 -12.62 1.64
CA GLY E 113 32.68 -12.98 1.64
C GLY E 113 33.32 -12.75 2.99
N THR E 114 32.56 -12.15 3.90
CA THR E 114 33.08 -11.78 5.22
C THR E 114 32.23 -12.32 6.37
N SER E 115 31.35 -13.26 6.07
CA SER E 115 30.46 -13.82 7.08
C SER E 115 31.10 -14.99 7.81
N GLU E 116 30.86 -15.07 9.12
CA GLU E 116 31.37 -16.18 9.92
C GLU E 116 30.75 -17.50 9.48
N HIS E 117 29.57 -17.43 8.85
CA HIS E 117 28.92 -18.62 8.32
C HIS E 117 29.73 -19.23 7.18
N GLN E 118 30.50 -18.40 6.49
CA GLN E 118 31.37 -18.85 5.41
CA GLN E 118 31.34 -18.89 5.41
C GLN E 118 32.60 -19.54 5.97
N LEU E 119 32.82 -19.39 7.27
CA LEU E 119 33.96 -19.99 7.95
C LEU E 119 33.59 -21.38 8.47
N GLY E 120 32.29 -21.63 8.60
CA GLY E 120 31.80 -22.89 9.10
C GLY E 120 31.78 -22.98 10.62
N LEU E 121 32.16 -21.88 11.27
CA LEU E 121 32.27 -21.86 12.72
C LEU E 121 31.12 -21.10 13.38
N ALA E 122 30.16 -20.66 12.57
CA ALA E 122 29.01 -19.94 13.11
C ALA E 122 27.70 -20.64 12.75
N VAL E 123 26.80 -20.72 13.73
CA VAL E 123 25.49 -21.30 13.50
C VAL E 123 24.40 -20.34 13.98
N ASP E 124 23.32 -20.24 13.22
CA ASP E 124 22.17 -19.47 13.63
C ASP E 124 21.11 -20.41 14.19
N ILE E 125 20.89 -20.32 15.50
CA ILE E 125 20.05 -21.27 16.20
C ILE E 125 18.66 -20.72 16.47
N ASN E 126 17.65 -21.48 16.06
CA ASN E 126 16.26 -21.12 16.34
C ASN E 126 15.57 -22.22 17.15
N ALA E 127 14.32 -21.97 17.53
CA ALA E 127 13.53 -22.94 18.26
C ALA E 127 12.91 -23.94 17.30
N ASP E 128 12.57 -25.12 17.80
CA ASP E 128 11.93 -26.14 16.97
C ASP E 128 10.50 -25.72 16.65
N GLY E 129 9.91 -24.90 17.53
CA GLY E 129 8.59 -24.35 17.30
C GLY E 129 7.50 -25.00 18.13
N ILE E 130 7.50 -26.32 18.19
CA ILE E 130 6.42 -27.04 18.87
C ILE E 130 6.73 -27.31 20.35
N HIS E 131 8.01 -27.33 20.70
CA HIS E 131 8.41 -27.59 22.09
C HIS E 131 8.87 -26.32 22.79
N SER E 132 9.58 -25.47 22.05
CA SER E 132 10.12 -24.24 22.63
C SER E 132 9.88 -23.04 21.72
N THR E 133 9.90 -21.85 22.30
CA THR E 133 9.78 -20.62 21.54
C THR E 133 11.15 -20.00 21.31
N GLY E 134 11.20 -18.94 20.51
CA GLY E 134 12.45 -18.28 20.17
C GLY E 134 13.23 -17.79 21.39
N ASN E 135 12.56 -17.03 22.24
CA ASN E 135 13.20 -16.46 23.41
C ASN E 135 13.64 -17.52 24.42
N GLU E 136 12.91 -18.63 24.48
CA GLU E 136 13.27 -19.73 25.37
C GLU E 136 14.62 -20.34 24.98
N VAL E 137 14.88 -20.40 23.69
CA VAL E 137 16.14 -20.93 23.18
C VAL E 137 17.26 -19.89 23.29
N TYR E 138 16.94 -18.65 22.96
CA TYR E 138 17.92 -17.56 22.98
C TYR E 138 18.45 -17.32 24.39
N ARG E 139 17.55 -17.36 25.38
CA ARG E 139 17.94 -17.15 26.76
C ARG E 139 18.79 -18.28 27.30
N TRP E 140 18.44 -19.52 26.95
CA TRP E 140 19.20 -20.67 27.41
C TRP E 140 20.61 -20.67 26.85
N LEU E 141 20.72 -20.40 25.55
CA LEU E 141 22.01 -20.32 24.88
C LEU E 141 22.88 -19.23 25.48
N ASP E 142 22.27 -18.09 25.78
CA ASP E 142 22.98 -16.95 26.36
C ASP E 142 23.64 -17.30 27.69
N GLU E 143 23.06 -18.28 28.40
CA GLU E 143 23.54 -18.63 29.73
C GLU E 143 24.26 -19.97 29.78
N ASN E 144 24.38 -20.65 28.64
CA ASN E 144 24.93 -22.00 28.63
C ASN E 144 25.88 -22.32 27.47
N SER E 145 25.87 -21.50 26.42
CA SER E 145 26.63 -21.81 25.21
C SER E 145 28.14 -21.80 25.43
N TYR E 146 28.61 -20.96 26.35
CA TYR E 146 30.04 -20.80 26.58
C TYR E 146 30.68 -22.08 27.12
N ARG E 147 29.87 -22.95 27.71
CA ARG E 147 30.37 -24.20 28.26
C ARG E 147 30.63 -25.23 27.16
N PHE E 148 30.29 -24.86 25.93
CA PHE E 148 30.45 -25.75 24.79
C PHE E 148 31.26 -25.11 23.68
N GLY E 149 31.79 -23.92 23.96
CA GLY E 149 32.68 -23.24 23.05
C GLY E 149 32.01 -22.19 22.17
N PHE E 150 30.76 -21.87 22.47
CA PHE E 150 30.01 -20.91 21.66
C PHE E 150 29.73 -19.64 22.43
N ILE E 151 29.77 -18.51 21.73
CA ILE E 151 29.45 -17.21 22.32
C ILE E 151 28.36 -16.52 21.52
N ARG E 152 27.55 -15.71 22.20
CA ARG E 152 26.65 -14.81 21.49
C ARG E 152 27.50 -13.74 20.82
N ARG E 153 27.81 -13.98 19.55
CA ARG E 153 28.78 -13.18 18.81
C ARG E 153 28.50 -11.69 18.84
N TYR E 154 27.22 -11.33 18.78
CA TYR E 154 26.85 -9.92 18.74
C TYR E 154 25.87 -9.55 19.85
N PRO E 155 26.41 -9.27 21.05
CA PRO E 155 25.63 -8.85 22.22
C PRO E 155 24.84 -7.56 21.98
N PRO E 156 23.70 -7.39 22.66
CA PRO E 156 22.83 -6.23 22.47
C PRO E 156 23.46 -4.89 22.87
N ASP E 157 24.39 -4.91 23.81
CA ASP E 157 24.99 -3.67 24.30
C ASP E 157 26.47 -3.55 23.94
N LYS E 158 26.89 -4.25 22.90
CA LYS E 158 28.22 -4.09 22.34
C LYS E 158 28.12 -3.92 20.82
N THR E 159 27.03 -3.31 20.38
CA THR E 159 26.76 -3.12 18.96
C THR E 159 27.68 -2.08 18.33
N GLU E 160 28.35 -1.29 19.17
CA GLU E 160 29.23 -0.24 18.69
C GLU E 160 30.66 -0.74 18.51
N ILE E 161 30.99 -1.79 19.25
CA ILE E 161 32.32 -2.39 19.15
C ILE E 161 32.34 -3.46 18.06
N THR E 162 31.24 -4.20 17.93
CA THR E 162 31.12 -5.23 16.91
C THR E 162 30.64 -4.64 15.58
N GLY E 163 29.87 -3.56 15.67
CA GLY E 163 29.32 -2.92 14.48
C GLY E 163 28.08 -3.62 13.97
N VAL E 164 27.63 -4.63 14.71
CA VAL E 164 26.47 -5.42 14.32
C VAL E 164 25.38 -5.35 15.39
N SER E 165 24.13 -5.23 14.95
CA SER E 165 22.99 -5.15 15.86
C SER E 165 22.82 -6.43 16.67
N ASN E 166 21.91 -6.38 17.65
CA ASN E 166 21.64 -7.53 18.50
C ASN E 166 21.09 -8.71 17.71
N GLU E 167 21.76 -9.85 17.81
CA GLU E 167 21.34 -11.06 17.13
C GLU E 167 21.43 -12.27 18.06
N PRO E 168 20.35 -12.54 18.80
CA PRO E 168 20.27 -13.62 19.80
C PRO E 168 20.36 -15.01 19.20
N TRP E 169 20.37 -15.11 17.88
CA TRP E 169 20.39 -16.41 17.20
C TRP E 169 21.80 -16.78 16.74
N HIS E 170 22.64 -15.78 16.51
CA HIS E 170 23.96 -16.01 15.92
C HIS E 170 25.00 -16.36 16.97
N TYR E 171 25.45 -17.61 16.97
CA TYR E 171 26.45 -18.05 17.92
C TYR E 171 27.72 -18.55 17.22
N ARG E 172 28.85 -18.01 17.66
CA ARG E 172 30.16 -18.29 17.06
C ARG E 172 30.98 -19.22 17.94
N TYR E 173 31.55 -20.25 17.32
CA TYR E 173 32.44 -21.16 18.05
C TYR E 173 33.83 -20.56 18.18
N VAL E 174 34.33 -20.49 19.41
CA VAL E 174 35.66 -19.97 19.67
C VAL E 174 36.46 -20.89 20.59
N GLY E 175 35.83 -21.98 21.01
CA GLY E 175 36.46 -22.90 21.94
C GLY E 175 36.00 -22.65 23.35
N ILE E 176 36.01 -23.69 24.17
CA ILE E 176 35.49 -23.60 25.54
C ILE E 176 36.24 -22.61 26.41
N GLU E 177 37.57 -22.68 26.40
CA GLU E 177 38.40 -21.79 27.21
C GLU E 177 38.19 -20.33 26.83
N ALA E 178 38.19 -20.05 25.54
CA ALA E 178 38.01 -18.69 25.05
C ALA E 178 36.60 -18.18 25.35
N ALA E 179 35.60 -19.03 25.10
CA ALA E 179 34.21 -18.67 25.34
C ALA E 179 33.94 -18.38 26.81
N THR E 180 34.52 -19.21 27.68
CA THR E 180 34.32 -19.07 29.12
C THR E 180 34.86 -17.74 29.64
N LYS E 181 36.07 -17.39 29.24
CA LYS E 181 36.69 -16.15 29.65
C LYS E 181 35.94 -14.94 29.07
N ILE E 182 35.52 -15.05 27.83
CA ILE E 182 34.75 -14.00 27.18
C ILE E 182 33.42 -13.77 27.91
N TYR E 183 32.74 -14.86 28.24
CA TYR E 183 31.46 -14.78 28.92
C TYR E 183 31.59 -14.21 30.33
N HIS E 184 32.55 -14.74 31.09
CA HIS E 184 32.76 -14.31 32.47
C HIS E 184 33.18 -12.85 32.58
N GLN E 185 34.07 -12.43 31.70
CA GLN E 185 34.58 -11.06 31.73
C GLN E 185 33.64 -10.09 31.02
N GLY E 186 32.61 -10.63 30.39
CA GLY E 186 31.62 -9.82 29.70
C GLY E 186 32.23 -9.02 28.56
N LEU E 187 32.89 -9.72 27.64
CA LEU E 187 33.54 -9.08 26.51
C LEU E 187 32.95 -9.56 25.19
N CYS E 188 33.35 -8.92 24.10
CA CYS E 188 33.04 -9.40 22.77
C CYS E 188 34.32 -9.95 22.16
N LEU E 189 34.21 -10.56 20.98
CA LEU E 189 35.37 -11.15 20.33
C LEU E 189 36.41 -10.10 19.95
N GLU E 190 35.93 -8.91 19.57
CA GLU E 190 36.83 -7.82 19.17
C GLU E 190 37.72 -7.36 20.32
N GLU E 191 37.17 -7.35 21.53
CA GLU E 191 37.92 -6.93 22.71
C GLU E 191 38.92 -8.01 23.14
N TYR E 192 38.47 -9.27 23.13
CA TYR E 192 39.28 -10.40 23.56
C TYR E 192 40.49 -10.61 22.66
N LEU E 193 40.36 -10.23 21.40
CA LEU E 193 41.45 -10.39 20.43
C LEU E 193 42.49 -9.29 20.54
N ASN E 194 42.20 -8.28 21.37
CA ASN E 194 43.13 -7.18 21.59
C ASN E 194 43.86 -7.31 22.93
N THR E 195 43.09 -7.65 23.96
CA THR E 195 43.65 -7.79 25.31
C THR E 195 44.62 -8.97 25.39
N GLN F 16 0.68 -10.13 18.39
CA GLN F 16 -0.17 -9.93 19.55
C GLN F 16 -1.45 -10.71 19.29
N GLU F 17 -2.05 -11.16 20.38
CA GLU F 17 -3.25 -11.99 20.38
C GLU F 17 -4.19 -11.78 19.19
N TRP F 18 -4.43 -12.84 18.44
CA TRP F 18 -5.33 -12.82 17.29
C TRP F 18 -6.73 -12.30 17.61
N SER F 19 -7.20 -12.56 18.82
CA SER F 19 -8.61 -12.36 19.17
C SER F 19 -8.92 -10.95 19.67
N LEU F 20 -7.90 -10.12 19.83
CA LEU F 20 -8.11 -8.77 20.33
C LEU F 20 -7.93 -7.71 19.23
N ILE F 21 -8.05 -8.13 17.98
CA ILE F 21 -7.95 -7.19 16.86
C ILE F 21 -9.17 -6.28 16.82
N LEU F 22 -8.91 -4.97 16.72
CA LEU F 22 -9.99 -4.00 16.71
C LEU F 22 -10.38 -3.62 15.28
N VAL F 23 -11.69 -3.63 15.01
CA VAL F 23 -12.20 -3.24 13.70
C VAL F 23 -13.41 -2.33 13.86
N ASN F 24 -13.25 -1.06 13.45
CA ASN F 24 -14.34 -0.10 13.49
C ASN F 24 -14.11 1.05 12.51
N ARG F 25 -14.82 2.16 12.71
CA ARG F 25 -14.66 3.33 11.85
C ARG F 25 -13.23 3.87 11.87
N GLN F 26 -12.57 3.74 13.00
CA GLN F 26 -11.20 4.23 13.15
CA GLN F 26 -11.20 4.24 13.15
C GLN F 26 -10.19 3.20 12.68
N ASN F 27 -10.61 1.94 12.63
CA ASN F 27 -9.70 0.85 12.27
C ASN F 27 -10.31 -0.10 11.24
N PRO F 28 -10.09 0.16 9.95
CA PRO F 28 -10.56 -0.76 8.91
C PRO F 28 -9.78 -2.07 8.94
N ILE F 29 -10.37 -3.13 8.41
CA ILE F 29 -9.71 -4.43 8.38
C ILE F 29 -8.46 -4.39 7.50
N PRO F 30 -7.43 -5.17 7.87
CA PRO F 30 -6.22 -5.29 7.07
C PRO F 30 -6.51 -5.69 5.62
N ALA F 31 -5.60 -5.35 4.71
CA ALA F 31 -5.81 -5.56 3.29
C ALA F 31 -5.95 -7.05 2.93
N GLN F 32 -5.19 -7.89 3.61
CA GLN F 32 -5.21 -9.32 3.32
C GLN F 32 -5.50 -10.16 4.56
N TYR F 33 -6.54 -9.77 5.30
CA TYR F 33 -6.96 -10.55 6.46
C TYR F 33 -8.24 -11.32 6.17
N ASP F 34 -8.14 -12.64 6.22
CA ASP F 34 -9.32 -13.50 6.26
C ASP F 34 -8.92 -14.88 6.78
N VAL F 35 -9.71 -15.39 7.71
CA VAL F 35 -9.35 -16.57 8.47
C VAL F 35 -10.10 -17.80 7.96
N GLU F 36 -9.58 -18.99 8.25
CA GLU F 36 -10.27 -20.24 7.95
C GLU F 36 -11.67 -20.24 8.56
N LEU F 37 -12.67 -20.42 7.72
CA LEU F 37 -14.05 -20.41 8.16
C LEU F 37 -14.66 -21.80 8.13
N GLU F 38 -15.43 -22.13 9.16
CA GLU F 38 -16.20 -23.37 9.16
C GLU F 38 -17.68 -23.04 9.08
N GLN F 39 -18.47 -23.99 8.59
CA GLN F 39 -19.89 -23.78 8.41
C GLN F 39 -20.71 -24.38 9.55
N LEU F 40 -21.45 -23.53 10.25
CA LEU F 40 -22.38 -23.99 11.27
C LEU F 40 -23.51 -24.79 10.61
N SER F 41 -24.29 -25.50 11.42
CA SER F 41 -25.35 -26.35 10.88
C SER F 41 -26.46 -25.55 10.21
N ASN F 42 -26.50 -24.24 10.44
CA ASN F 42 -27.50 -23.39 9.83
C ASN F 42 -26.98 -22.66 8.60
N GLY F 43 -25.71 -22.89 8.28
CA GLY F 43 -25.13 -22.32 7.08
C GLY F 43 -24.22 -21.14 7.34
N GLU F 44 -24.42 -20.48 8.47
CA GLU F 44 -23.59 -19.33 8.84
C GLU F 44 -22.15 -19.77 9.09
N ARG F 45 -21.21 -18.92 8.69
CA ARG F 45 -19.80 -19.24 8.84
C ARG F 45 -19.16 -18.45 9.97
N ILE F 46 -18.24 -19.11 10.68
CA ILE F 46 -17.49 -18.47 11.76
C ILE F 46 -16.04 -18.90 11.69
N ASP F 47 -15.16 -18.17 12.37
CA ASP F 47 -13.78 -18.58 12.53
C ASP F 47 -13.73 -19.91 13.24
N ILE F 48 -12.90 -20.83 12.76
CA ILE F 48 -12.79 -22.15 13.34
C ILE F 48 -12.22 -22.09 14.76
N ARG F 49 -11.62 -20.97 15.10
CA ARG F 49 -11.00 -20.79 16.41
C ARG F 49 -12.01 -20.37 17.47
N ILE F 50 -13.26 -20.17 17.07
CA ILE F 50 -14.33 -19.74 17.97
CA ILE F 50 -14.29 -19.79 18.03
C ILE F 50 -15.37 -20.86 18.12
N SER F 51 -15.28 -21.86 17.25
CA SER F 51 -16.23 -22.97 17.20
C SER F 51 -16.50 -23.65 18.55
N PRO F 52 -15.45 -24.04 19.30
CA PRO F 52 -15.77 -24.75 20.54
C PRO F 52 -16.32 -23.83 21.63
N TYR F 53 -16.05 -22.54 21.53
CA TYR F 53 -16.47 -21.59 22.55
C TYR F 53 -17.91 -21.12 22.30
N LEU F 54 -18.30 -21.13 21.04
CA LEU F 54 -19.67 -20.76 20.66
C LEU F 54 -20.64 -21.88 21.00
N GLN F 55 -20.20 -23.12 20.81
CA GLN F 55 -21.02 -24.30 21.07
C GLN F 55 -21.33 -24.43 22.57
N ASP F 56 -20.31 -24.23 23.41
CA ASP F 56 -20.49 -24.30 24.85
C ASP F 56 -21.37 -23.17 25.36
N LEU F 57 -21.29 -22.01 24.70
CA LEU F 57 -22.13 -20.87 25.05
C LEU F 57 -23.60 -21.20 24.86
N PHE F 58 -23.91 -21.92 23.78
CA PHE F 58 -25.29 -22.27 23.48
C PHE F 58 -25.76 -23.44 24.33
N ASP F 59 -24.85 -24.37 24.62
CA ASP F 59 -25.17 -25.52 25.45
C ASP F 59 -25.47 -25.08 26.88
N ALA F 60 -24.70 -24.12 27.37
CA ALA F 60 -24.90 -23.58 28.71
C ALA F 60 -26.20 -22.78 28.77
N ALA F 61 -26.58 -22.20 27.65
CA ALA F 61 -27.82 -21.42 27.56
C ALA F 61 -29.03 -22.35 27.58
N ARG F 62 -28.97 -23.41 26.80
CA ARG F 62 -30.09 -24.35 26.69
C ARG F 62 -30.28 -25.17 27.97
N ALA F 63 -29.28 -25.14 28.84
CA ALA F 63 -29.37 -25.81 30.12
C ALA F 63 -30.09 -24.92 31.14
N ASP F 64 -30.24 -23.65 30.79
CA ASP F 64 -30.91 -22.69 31.65
C ASP F 64 -32.28 -22.28 31.09
N GLY F 65 -32.70 -22.95 30.02
CA GLY F 65 -33.99 -22.68 29.42
C GLY F 65 -33.94 -21.58 28.38
N VAL F 66 -32.74 -21.13 28.04
CA VAL F 66 -32.56 -20.09 27.04
C VAL F 66 -32.08 -20.71 25.73
N TYR F 67 -32.78 -20.39 24.64
CA TYR F 67 -32.46 -21.00 23.34
C TYR F 67 -32.06 -19.96 22.31
N PRO F 68 -30.75 -19.77 22.13
CA PRO F 68 -30.18 -18.82 21.17
C PRO F 68 -29.88 -19.46 19.81
N ILE F 69 -29.88 -18.64 18.77
CA ILE F 69 -29.50 -19.09 17.43
C ILE F 69 -28.62 -18.03 16.76
N VAL F 70 -27.74 -18.48 15.87
CA VAL F 70 -26.87 -17.56 15.14
C VAL F 70 -27.58 -17.03 13.91
N ALA F 71 -28.02 -15.78 13.97
CA ALA F 71 -28.72 -15.17 12.85
C ALA F 71 -27.75 -14.73 11.77
N SER F 72 -26.56 -14.29 12.17
CA SER F 72 -25.56 -13.82 11.23
C SER F 72 -24.15 -13.99 11.78
N GLY F 73 -23.26 -14.55 10.94
CA GLY F 73 -21.88 -14.72 11.32
C GLY F 73 -20.94 -13.96 10.41
N TYR F 74 -20.11 -14.68 9.68
CA TYR F 74 -19.20 -14.06 8.72
C TYR F 74 -19.96 -13.44 7.56
N ARG F 75 -19.48 -12.29 7.10
CA ARG F 75 -20.07 -11.62 5.94
C ARG F 75 -18.98 -11.22 4.95
N THR F 76 -19.23 -11.44 3.67
CA THR F 76 -18.33 -10.97 2.63
C THR F 76 -18.47 -9.46 2.49
N THR F 77 -17.56 -8.85 1.73
CA THR F 77 -17.61 -7.42 1.47
C THR F 77 -18.89 -7.06 0.72
N GLU F 78 -19.27 -7.89 -0.24
CA GLU F 78 -20.50 -7.69 -1.00
C GLU F 78 -21.73 -7.79 -0.09
N LYS F 79 -21.71 -8.75 0.83
CA LYS F 79 -22.82 -8.94 1.76
C LYS F 79 -23.02 -7.71 2.64
N GLN F 80 -21.94 -7.17 3.18
CA GLN F 80 -22.00 -5.95 3.99
C GLN F 80 -22.49 -4.77 3.17
N GLN F 81 -22.10 -4.73 1.90
CA GLN F 81 -22.50 -3.65 1.00
C GLN F 81 -24.01 -3.72 0.74
N GLU F 82 -24.52 -4.93 0.56
CA GLU F 82 -25.94 -5.12 0.30
C GLU F 82 -26.78 -4.78 1.52
N ILE F 83 -26.28 -5.13 2.70
CA ILE F 83 -26.95 -4.80 3.95
C ILE F 83 -27.00 -3.28 4.12
N MET F 84 -25.89 -2.62 3.80
CA MET F 84 -25.82 -1.17 3.84
C MET F 84 -26.77 -0.53 2.84
N ASP F 85 -26.76 -1.03 1.61
CA ASP F 85 -27.57 -0.49 0.54
C ASP F 85 -29.06 -0.56 0.86
N GLU F 86 -29.48 -1.67 1.47
CA GLU F 86 -30.88 -1.85 1.82
C GLU F 86 -31.29 -0.87 2.91
N LYS F 87 -30.37 -0.60 3.84
CA LYS F 87 -30.64 0.34 4.93
C LYS F 87 -30.67 1.77 4.38
N VAL F 88 -29.79 2.06 3.46
CA VAL F 88 -29.76 3.36 2.79
C VAL F 88 -31.05 3.60 2.02
N ALA F 89 -31.52 2.56 1.32
CA ALA F 89 -32.74 2.64 0.53
C ALA F 89 -33.96 2.95 1.39
N GLU F 90 -34.00 2.37 2.59
CA GLU F 90 -35.10 2.60 3.52
C GLU F 90 -35.23 4.08 3.89
N TYR F 91 -34.09 4.73 4.10
CA TYR F 91 -34.08 6.14 4.44
C TYR F 91 -34.41 7.01 3.24
N LYS F 92 -33.91 6.64 2.07
CA LYS F 92 -34.18 7.38 0.85
C LYS F 92 -35.67 7.34 0.51
N ALA F 93 -36.34 6.27 0.94
CA ALA F 93 -37.77 6.15 0.74
C ALA F 93 -38.54 7.00 1.76
N LYS F 94 -37.82 7.58 2.70
CA LYS F 94 -38.44 8.43 3.73
C LYS F 94 -38.05 9.90 3.57
N GLY F 95 -37.62 10.28 2.37
CA GLY F 95 -37.36 11.68 2.07
C GLY F 95 -35.96 12.16 2.40
N TYR F 96 -35.08 11.23 2.73
CA TYR F 96 -33.69 11.57 3.00
C TYR F 96 -32.86 11.56 1.71
N THR F 97 -31.89 12.46 1.63
CA THR F 97 -30.97 12.48 0.50
C THR F 97 -29.98 11.33 0.63
N SER F 98 -29.17 11.12 -0.39
CA SER F 98 -28.18 10.04 -0.38
C SER F 98 -27.18 10.19 0.76
N ALA F 99 -26.70 11.42 0.96
CA ALA F 99 -25.75 11.71 2.02
C ALA F 99 -26.38 11.51 3.40
N GLN F 100 -27.60 12.00 3.55
CA GLN F 100 -28.34 11.87 4.80
C GLN F 100 -28.66 10.40 5.08
N ALA F 101 -29.05 9.67 4.04
CA ALA F 101 -29.35 8.26 4.17
C ALA F 101 -28.12 7.47 4.59
N LYS F 102 -26.99 7.75 3.95
CA LYS F 102 -25.73 7.10 4.27
C LYS F 102 -25.30 7.39 5.70
N ALA F 103 -25.42 8.66 6.10
CA ALA F 103 -25.04 9.08 7.44
C ALA F 103 -25.86 8.37 8.51
N ALA F 104 -27.16 8.20 8.25
CA ALA F 104 -28.06 7.56 9.19
C ALA F 104 -27.91 6.04 9.16
N ALA F 105 -27.62 5.49 7.99
CA ALA F 105 -27.44 4.04 7.85
C ALA F 105 -26.15 3.58 8.51
N GLU F 106 -25.11 4.40 8.44
CA GLU F 106 -23.81 4.05 8.99
C GLU F 106 -23.82 4.02 10.52
N THR F 107 -24.88 4.56 11.12
CA THR F 107 -25.04 4.51 12.57
C THR F 107 -25.68 3.18 12.98
N TRP F 108 -26.17 2.45 12.00
CA TRP F 108 -26.75 1.13 12.24
C TRP F 108 -25.91 0.04 11.60
N VAL F 109 -25.53 0.26 10.34
CA VAL F 109 -24.71 -0.70 9.61
C VAL F 109 -23.29 -0.16 9.42
N ALA F 110 -22.30 -0.99 9.72
CA ALA F 110 -20.91 -0.58 9.57
C ALA F 110 -20.52 -0.50 8.09
N VAL F 111 -19.69 0.48 7.76
CA VAL F 111 -19.14 0.61 6.41
C VAL F 111 -18.33 -0.62 6.06
N PRO F 112 -18.58 -1.20 4.86
CA PRO F 112 -17.84 -2.37 4.38
C PRO F 112 -16.32 -2.19 4.50
N GLY F 113 -15.71 -3.02 5.34
CA GLY F 113 -14.29 -2.90 5.62
C GLY F 113 -14.06 -2.48 7.06
N THR F 114 -15.13 -2.05 7.72
CA THR F 114 -15.06 -1.63 9.11
C THR F 114 -15.97 -2.47 9.99
N SER F 115 -16.60 -3.48 9.39
CA SER F 115 -17.48 -4.38 10.13
C SER F 115 -16.71 -5.60 10.64
N GLU F 116 -16.87 -5.90 11.93
CA GLU F 116 -16.15 -7.04 12.51
C GLU F 116 -16.83 -8.37 12.18
N HIS F 117 -17.92 -8.30 11.42
CA HIS F 117 -18.54 -9.51 10.88
C HIS F 117 -17.64 -10.12 9.81
N GLN F 118 -16.82 -9.27 9.18
CA GLN F 118 -15.91 -9.71 8.15
C GLN F 118 -14.70 -10.43 8.73
N LEU F 119 -14.59 -10.41 10.07
CA LEU F 119 -13.52 -11.10 10.76
C LEU F 119 -13.85 -12.57 10.97
N GLY F 120 -15.13 -12.86 11.21
CA GLY F 120 -15.56 -14.20 11.55
C GLY F 120 -15.59 -14.41 13.05
N LEU F 121 -15.27 -13.34 13.78
CA LEU F 121 -15.23 -13.38 15.24
C LEU F 121 -16.50 -12.79 15.84
N ALA F 122 -17.39 -12.29 14.98
CA ALA F 122 -18.62 -11.65 15.44
C ALA F 122 -19.86 -12.43 15.01
N VAL F 123 -20.76 -12.65 15.95
CA VAL F 123 -22.03 -13.31 15.66
C VAL F 123 -23.21 -12.49 16.18
N ASP F 124 -24.24 -12.36 15.36
CA ASP F 124 -25.47 -11.71 15.79
C ASP F 124 -26.47 -12.79 16.22
N ILE F 125 -26.75 -12.81 17.52
CA ILE F 125 -27.52 -13.89 18.12
C ILE F 125 -28.97 -13.48 18.39
N ASN F 126 -29.90 -14.33 17.96
CA ASN F 126 -31.32 -14.11 18.23
C ASN F 126 -31.92 -15.28 19.02
N ALA F 127 -33.22 -15.20 19.27
CA ALA F 127 -33.91 -16.27 19.97
C ALA F 127 -34.49 -17.27 18.99
N ASP F 128 -34.77 -18.47 19.46
CA ASP F 128 -35.38 -19.50 18.61
C ASP F 128 -36.83 -19.15 18.34
N GLY F 129 -37.44 -18.41 19.27
CA GLY F 129 -38.79 -17.91 19.09
C GLY F 129 -39.87 -18.63 19.88
N ILE F 130 -39.80 -19.96 19.92
CA ILE F 130 -40.86 -20.75 20.54
C ILE F 130 -40.48 -21.29 21.91
N HIS F 131 -39.22 -21.16 22.28
CA HIS F 131 -38.78 -21.56 23.61
C HIS F 131 -38.24 -20.37 24.40
N SER F 132 -37.77 -19.37 23.67
CA SER F 132 -37.23 -18.15 24.29
C SER F 132 -37.57 -16.92 23.45
N THR F 133 -37.71 -15.78 24.11
CA THR F 133 -37.90 -14.52 23.42
C THR F 133 -36.57 -13.80 23.30
N GLY F 134 -36.54 -12.70 22.54
CA GLY F 134 -35.32 -11.94 22.33
C GLY F 134 -34.74 -11.40 23.61
N ASN F 135 -35.57 -10.76 24.42
CA ASN F 135 -35.13 -10.15 25.68
C ASN F 135 -34.50 -11.15 26.65
N GLU F 136 -35.11 -12.33 26.76
CA GLU F 136 -34.61 -13.35 27.67
C GLU F 136 -33.26 -13.89 27.23
N VAL F 137 -33.06 -13.96 25.91
CA VAL F 137 -31.79 -14.38 25.35
C VAL F 137 -30.74 -13.29 25.51
N TYR F 138 -31.14 -12.05 25.23
CA TYR F 138 -30.24 -10.91 25.33
C TYR F 138 -29.82 -10.66 26.78
N ARG F 139 -30.71 -10.95 27.72
CA ARG F 139 -30.42 -10.74 29.13
C ARG F 139 -29.48 -11.84 29.66
N TRP F 140 -29.67 -13.05 29.15
CA TRP F 140 -28.83 -14.17 29.57
C TRP F 140 -27.41 -14.03 29.02
N LEU F 141 -27.32 -13.66 27.76
CA LEU F 141 -26.01 -13.48 27.12
C LEU F 141 -25.25 -12.32 27.76
N ASP F 142 -25.99 -11.29 28.16
CA ASP F 142 -25.38 -10.13 28.80
C ASP F 142 -24.80 -10.48 30.17
N GLU F 143 -25.17 -11.65 30.69
CA GLU F 143 -24.75 -12.06 32.01
C GLU F 143 -23.85 -13.31 32.01
N ASN F 144 -23.70 -13.95 30.85
CA ASN F 144 -23.01 -15.23 30.80
C ASN F 144 -22.04 -15.42 29.64
N SER F 145 -22.06 -14.51 28.66
CA SER F 145 -21.24 -14.67 27.46
C SER F 145 -19.74 -14.52 27.74
N TYR F 146 -19.39 -13.76 28.77
CA TYR F 146 -18.00 -13.46 29.06
C TYR F 146 -17.24 -14.69 29.55
N ARG F 147 -17.96 -15.67 30.09
CA ARG F 147 -17.34 -16.89 30.59
C ARG F 147 -16.95 -17.81 29.43
N PHE F 148 -17.35 -17.44 28.22
CA PHE F 148 -17.04 -18.23 27.04
C PHE F 148 -16.26 -17.41 26.02
N GLY F 149 -15.84 -16.22 26.44
CA GLY F 149 -14.98 -15.38 25.61
C GLY F 149 -15.71 -14.36 24.76
N PHE F 150 -17.02 -14.22 24.97
CA PHE F 150 -17.82 -13.29 24.19
C PHE F 150 -18.21 -12.06 25.01
N ILE F 151 -18.18 -10.90 24.36
CA ILE F 151 -18.58 -9.65 25.02
C ILE F 151 -19.77 -9.01 24.31
N ARG F 152 -20.59 -8.32 25.09
CA ARG F 152 -21.63 -7.46 24.51
C ARG F 152 -20.92 -6.29 23.85
N ARG F 153 -20.76 -6.38 22.54
CA ARG F 153 -19.85 -5.50 21.80
C ARG F 153 -20.20 -4.01 21.91
N TYR F 154 -21.47 -3.67 21.74
CA TYR F 154 -21.89 -2.28 21.75
C TYR F 154 -22.92 -1.99 22.83
N PRO F 155 -22.46 -1.57 24.02
CA PRO F 155 -23.35 -1.20 25.13
C PRO F 155 -24.28 -0.06 24.75
N PRO F 156 -25.47 0.00 25.36
CA PRO F 156 -26.48 1.01 25.00
C PRO F 156 -26.04 2.44 25.26
N ASP F 157 -25.12 2.61 26.21
CA ASP F 157 -24.66 3.96 26.57
C ASP F 157 -23.17 4.15 26.32
N LYS F 158 -22.62 3.35 25.42
CA LYS F 158 -21.23 3.47 25.02
C LYS F 158 -21.13 3.82 23.55
N THR F 159 -22.21 4.37 23.02
CA THR F 159 -22.32 4.66 21.59
C THR F 159 -21.38 5.78 21.13
N GLU F 160 -20.93 6.59 22.08
CA GLU F 160 -20.05 7.72 21.74
C GLU F 160 -18.64 7.26 21.42
N ILE F 161 -18.26 6.09 21.93
CA ILE F 161 -16.92 5.55 21.73
C ILE F 161 -16.91 4.49 20.63
N THR F 162 -17.85 3.55 20.70
CA THR F 162 -17.96 2.48 19.70
C THR F 162 -18.52 3.02 18.39
N GLY F 163 -19.42 4.00 18.49
CA GLY F 163 -19.99 4.61 17.30
C GLY F 163 -21.11 3.78 16.72
N VAL F 164 -21.60 2.83 17.52
CA VAL F 164 -22.68 1.96 17.10
C VAL F 164 -23.81 2.05 18.12
N SER F 165 -25.03 2.14 17.63
CA SER F 165 -26.19 2.22 18.51
C SER F 165 -26.34 0.93 19.31
N ASN F 166 -27.30 0.92 20.22
CA ASN F 166 -27.54 -0.26 21.05
C ASN F 166 -27.93 -1.48 20.22
N GLU F 167 -27.04 -2.46 20.18
CA GLU F 167 -27.29 -3.70 19.45
C GLU F 167 -27.11 -4.91 20.35
N PRO F 168 -28.15 -5.27 21.11
CA PRO F 168 -28.10 -6.38 22.09
C PRO F 168 -27.88 -7.74 21.44
N TRP F 169 -28.00 -7.81 20.12
CA TRP F 169 -27.83 -9.07 19.39
C TRP F 169 -26.38 -9.35 19.04
N HIS F 170 -25.56 -8.29 18.97
CA HIS F 170 -24.19 -8.41 18.50
C HIS F 170 -23.21 -8.82 19.60
N TYR F 171 -22.52 -9.92 19.37
CA TYR F 171 -21.52 -10.41 20.33
C TYR F 171 -20.21 -10.77 19.62
N ARG F 172 -19.10 -10.46 20.29
CA ARG F 172 -17.78 -10.60 19.70
C ARG F 172 -16.87 -11.45 20.58
N TYR F 173 -16.13 -12.36 19.97
CA TYR F 173 -15.15 -13.16 20.70
C TYR F 173 -13.86 -12.38 20.90
N VAL F 174 -13.35 -12.40 22.13
CA VAL F 174 -12.10 -11.73 22.46
C VAL F 174 -11.23 -12.59 23.36
N GLY F 175 -11.75 -13.75 23.73
CA GLY F 175 -11.07 -14.63 24.67
C GLY F 175 -11.67 -14.50 26.06
N ILE F 176 -11.58 -15.57 26.85
CA ILE F 176 -12.20 -15.61 28.17
C ILE F 176 -11.61 -14.59 29.15
N GLU F 177 -10.29 -14.52 29.20
CA GLU F 177 -9.60 -13.63 30.14
C GLU F 177 -9.88 -12.16 29.83
N ALA F 178 -9.96 -11.85 28.53
CA ALA F 178 -10.24 -10.48 28.11
C ALA F 178 -11.72 -10.13 28.35
N ALA F 179 -12.60 -11.06 28.01
CA ALA F 179 -14.04 -10.85 28.17
C ALA F 179 -14.43 -10.66 29.63
N THR F 180 -13.75 -11.38 30.51
CA THR F 180 -14.03 -11.31 31.94
C THR F 180 -13.65 -9.94 32.50
N LYS F 181 -12.48 -9.44 32.10
CA LYS F 181 -12.01 -8.14 32.54
C LYS F 181 -12.86 -7.00 31.97
N ILE F 182 -13.30 -7.19 30.72
CA ILE F 182 -14.13 -6.20 30.06
C ILE F 182 -15.51 -6.11 30.72
N TYR F 183 -16.11 -7.27 30.98
CA TYR F 183 -17.41 -7.32 31.61
C TYR F 183 -17.39 -6.80 33.04
N HIS F 184 -16.34 -7.15 33.79
CA HIS F 184 -16.20 -6.72 35.18
C HIS F 184 -16.10 -5.21 35.30
N GLN F 185 -15.22 -4.62 34.50
CA GLN F 185 -14.95 -3.19 34.57
C GLN F 185 -16.01 -2.37 33.82
N GLY F 186 -16.94 -3.06 33.18
CA GLY F 186 -18.03 -2.41 32.46
C GLY F 186 -17.55 -1.54 31.31
N LEU F 187 -16.53 -2.03 30.61
CA LEU F 187 -15.95 -1.29 29.49
C LEU F 187 -16.36 -1.87 28.15
N CYS F 188 -15.97 -1.19 27.07
CA CYS F 188 -16.12 -1.73 25.73
C CYS F 188 -14.75 -2.16 25.23
N LEU F 189 -14.70 -2.69 24.01
CA LEU F 189 -13.45 -3.18 23.46
C LEU F 189 -12.45 -2.04 23.23
N GLU F 190 -12.95 -0.90 22.76
CA GLU F 190 -12.10 0.25 22.48
C GLU F 190 -11.45 0.81 23.74
N GLU F 191 -12.12 0.68 24.87
CA GLU F 191 -11.58 1.16 26.14
C GLU F 191 -10.62 0.14 26.76
N TYR F 192 -10.84 -1.13 26.47
CA TYR F 192 -9.98 -2.18 27.00
C TYR F 192 -8.61 -2.18 26.34
N LEU F 193 -8.60 -1.96 25.01
CA LEU F 193 -7.35 -1.93 24.26
C LEU F 193 -6.65 -0.59 24.42
N ASN F 194 -7.39 0.40 24.89
CA ASN F 194 -6.82 1.73 25.14
C ASN F 194 -5.78 1.71 26.25
N THR F 195 -6.11 1.00 27.34
CA THR F 195 -5.21 0.88 28.47
C THR F 195 -4.24 -0.29 28.28
ZN ZN G . 8.23 -25.18 -2.93
S SO4 H . 7.30 -24.66 0.52
O1 SO4 H . 7.55 -25.86 1.32
O2 SO4 H . 6.20 -23.90 1.10
O3 SO4 H . 8.50 -23.82 0.52
O4 SO4 H . 6.97 -25.04 -0.85
ZN ZN I . 1.35 16.65 16.84
S SO4 J . -0.42 16.49 18.98
O1 SO4 J . 0.97 16.26 19.36
O2 SO4 J . -1.16 17.00 20.14
O3 SO4 J . -0.48 17.46 17.90
O4 SO4 J . -1.01 15.22 18.54
ZN ZN K . 18.15 12.43 -22.13
ZN ZN L . -29.35 19.76 -21.33
ZN ZN M . 24.11 -15.91 11.60
S SO4 N . 23.50 -13.53 10.19
O1 SO4 N . 22.77 -13.55 11.46
O2 SO4 N . 23.65 -14.89 9.71
O3 SO4 N . 22.76 -12.75 9.22
O4 SO4 N . 24.82 -12.93 10.40
ZN ZN O . -23.78 -7.86 14.17
S SO4 P . -10.33 -18.47 3.45
O1 SO4 P . -11.24 -17.71 4.31
O2 SO4 P . -9.30 -19.10 4.27
O3 SO4 P . -11.08 -19.49 2.73
O4 SO4 P . -9.71 -17.56 2.49
#